data_2VCW
#
_entry.id   2VCW
#
_cell.length_a   123.858
_cell.length_b   123.858
_cell.length_c   106.620
_cell.angle_alpha   90.00
_cell.angle_beta   90.00
_cell.angle_gamma   90.00
#
_symmetry.space_group_name_H-M   'I 41'
#
loop_
_entity.id
_entity.type
_entity.pdbx_description
1 polymer 'GLUTATHIONE-REQUIRING PROSTAGLANDIN D SYNTHASE'
2 non-polymer GLUTATHIONE
3 non-polymer '1-PHENYL-1H-PYRAZOLE-4-CARBOXYLIC ACID'
4 water water
#
_entity_poly.entity_id   1
_entity_poly.type   'polypeptide(L)'
_entity_poly.pdbx_seq_one_letter_code
;MPNYKLTYFNMRGRAEIIRYIFAYLDIQYEDHRIEQADWPEIKSTLPFGKIPILEVDGLTLHQSLAIARYLTKNTDLAGN
TEMEQCHVDAIVDTLDDFMSCFPWAEKKQDVKEQMFNELLTYNAPHLMQDLDTYLGGREWLIGNSVTWADFYWEICSTTL
LVFKPDLLDNHPRLVTLRKKVQAIPAVANWIKRRPQTKL
;
_entity_poly.pdbx_strand_id   A,B,C,D
#
loop_
_chem_comp.id
_chem_comp.type
_chem_comp.name
_chem_comp.formula
GSH non-polymer GLUTATHIONE 'C10 H17 N3 O6 S'
ZZA non-polymer '1-PHENYL-1H-PYRAZOLE-4-CARBOXYLIC ACID' 'C10 H8 N2 O2'
#
# COMPACT_ATOMS: atom_id res chain seq x y z
N PRO A 2 -9.48 5.45 13.21
CA PRO A 2 -10.51 4.47 12.84
C PRO A 2 -11.37 4.07 14.02
N ASN A 3 -12.60 3.67 13.72
CA ASN A 3 -13.52 3.20 14.74
C ASN A 3 -13.38 1.68 14.94
N TYR A 4 -12.70 1.31 16.02
CA TYR A 4 -12.43 -0.08 16.34
C TYR A 4 -13.32 -0.65 17.41
N LYS A 5 -13.85 -1.84 17.14
CA LYS A 5 -14.65 -2.57 18.12
C LYS A 5 -14.17 -4.01 18.23
N LEU A 6 -13.67 -4.38 19.40
CA LEU A 6 -13.21 -5.74 19.66
C LEU A 6 -14.31 -6.53 20.38
N THR A 7 -14.63 -7.70 19.85
CA THR A 7 -15.63 -8.57 20.46
C THR A 7 -15.02 -9.89 20.92
N TYR A 8 -15.25 -10.22 22.19
CA TYR A 8 -14.76 -11.46 22.79
C TYR A 8 -15.52 -11.76 24.07
N PHE A 9 -15.17 -12.85 24.73
CA PHE A 9 -15.76 -13.21 26.02
C PHE A 9 -15.14 -12.32 27.10
N ASN A 10 -15.67 -12.40 28.32
CA ASN A 10 -15.13 -11.64 29.44
C ASN A 10 -13.99 -12.44 30.02
N MET A 11 -12.83 -12.32 29.37
CA MET A 11 -11.64 -13.01 29.80
C MET A 11 -10.48 -12.44 29.00
N ARG A 12 -9.27 -12.69 29.48
CA ARG A 12 -8.06 -12.27 28.75
C ARG A 12 -8.03 -13.13 27.49
N GLY A 13 -7.83 -14.43 27.67
CA GLY A 13 -7.86 -15.41 26.59
C GLY A 13 -7.13 -15.00 25.33
N ARG A 14 -7.76 -15.25 24.20
CA ARG A 14 -7.15 -14.95 22.90
C ARG A 14 -7.32 -13.48 22.45
N ALA A 15 -8.05 -12.69 23.22
CA ALA A 15 -8.19 -11.29 22.87
C ALA A 15 -7.13 -10.42 23.53
N GLU A 16 -6.54 -10.91 24.61
CA GLU A 16 -5.64 -10.06 25.43
C GLU A 16 -4.48 -9.44 24.64
N ILE A 17 -3.90 -10.22 23.71
CA ILE A 17 -2.78 -9.70 22.89
C ILE A 17 -3.18 -8.43 22.11
N ILE A 18 -4.40 -8.45 21.58
CA ILE A 18 -4.96 -7.30 20.88
C ILE A 18 -5.13 -6.11 21.84
N ARG A 19 -5.67 -6.39 23.03
CA ARG A 19 -5.87 -5.37 24.04
C ARG A 19 -4.54 -4.70 24.47
N TYR A 20 -3.49 -5.49 24.62
CA TYR A 20 -2.14 -4.93 24.93
C TYR A 20 -1.63 -4.03 23.83
N ILE A 21 -1.83 -4.47 22.59
CA ILE A 21 -1.37 -3.72 21.43
C ILE A 21 -2.07 -2.37 21.34
N PHE A 22 -3.39 -2.40 21.48
CA PHE A 22 -4.15 -1.16 21.45
C PHE A 22 -3.63 -0.21 22.54
N ALA A 23 -3.47 -0.74 23.75
CA ALA A 23 -2.98 0.06 24.88
C ALA A 23 -1.60 0.66 24.60
N TYR A 24 -0.67 -0.16 24.12
CA TYR A 24 0.69 0.30 23.84
C TYR A 24 0.75 1.38 22.75
N LEU A 25 -0.03 1.19 21.70
CA LEU A 25 -0.06 2.13 20.58
C LEU A 25 -0.99 3.32 20.80
N ASP A 26 -1.59 3.39 22.00
CA ASP A 26 -2.51 4.49 22.36
C ASP A 26 -3.64 4.66 21.33
N ILE A 27 -4.25 3.53 20.96
CA ILE A 27 -5.34 3.49 20.00
C ILE A 27 -6.64 3.21 20.75
N GLN A 28 -7.64 4.08 20.57
CA GLN A 28 -8.95 3.91 21.23
C GLN A 28 -9.79 2.84 20.54
N TYR A 29 -10.54 2.07 21.33
CA TYR A 29 -11.41 1.00 20.81
C TYR A 29 -12.46 0.63 21.84
N GLU A 30 -13.53 -0.02 21.40
CA GLU A 30 -14.56 -0.52 22.29
C GLU A 30 -14.23 -1.97 22.66
N ASP A 31 -14.04 -2.21 23.95
CA ASP A 31 -13.73 -3.54 24.46
C ASP A 31 -15.03 -4.26 24.80
N HIS A 32 -15.72 -4.73 23.77
CA HIS A 32 -17.00 -5.41 23.95
C HIS A 32 -16.88 -6.86 24.43
N ARG A 33 -17.34 -7.09 25.65
CA ARG A 33 -17.29 -8.41 26.24
C ARG A 33 -18.72 -8.94 26.29
N ILE A 34 -18.90 -10.14 25.76
CA ILE A 34 -20.22 -10.78 25.72
C ILE A 34 -20.28 -11.92 26.73
N GLU A 35 -21.49 -12.25 27.16
CA GLU A 35 -21.71 -13.40 28.02
C GLU A 35 -22.23 -14.52 27.12
N GLN A 36 -22.10 -15.77 27.58
CA GLN A 36 -22.49 -16.96 26.81
C GLN A 36 -23.87 -16.89 26.12
N ALA A 37 -24.86 -16.30 26.81
CA ALA A 37 -26.23 -16.18 26.29
C ALA A 37 -26.35 -15.40 24.98
N ASP A 38 -25.44 -14.45 24.78
CA ASP A 38 -25.47 -13.61 23.59
C ASP A 38 -24.63 -14.18 22.44
N TRP A 39 -23.95 -15.29 22.69
CA TRP A 39 -23.06 -15.92 21.72
C TRP A 39 -23.74 -16.60 20.52
N PRO A 40 -24.73 -17.48 20.76
CA PRO A 40 -25.40 -18.11 19.61
C PRO A 40 -25.81 -17.14 18.50
N GLU A 41 -26.44 -16.02 18.86
CA GLU A 41 -26.85 -15.04 17.86
C GLU A 41 -25.67 -14.36 17.16
N ILE A 42 -24.68 -13.94 17.94
CA ILE A 42 -23.49 -13.31 17.38
C ILE A 42 -22.78 -14.28 16.43
N LYS A 43 -22.56 -15.50 16.92
CA LYS A 43 -21.88 -16.56 16.17
C LYS A 43 -22.44 -16.78 14.76
N SER A 44 -23.77 -16.80 14.66
CA SER A 44 -24.46 -17.00 13.39
C SER A 44 -24.19 -15.91 12.34
N THR A 45 -23.70 -14.75 12.77
CA THR A 45 -23.43 -13.65 11.83
C THR A 45 -22.01 -13.69 11.29
N LEU A 46 -21.18 -14.51 11.94
CA LEU A 46 -19.76 -14.60 11.63
C LEU A 46 -19.40 -15.65 10.59
N PRO A 47 -18.73 -15.23 9.50
CA PRO A 47 -18.26 -16.10 8.44
C PRO A 47 -17.58 -17.37 8.96
N PHE A 48 -16.74 -17.27 9.99
CA PHE A 48 -16.07 -18.44 10.55
C PHE A 48 -16.52 -18.87 11.93
N GLY A 49 -17.48 -18.14 12.48
CA GLY A 49 -18.12 -18.50 13.74
C GLY A 49 -17.26 -18.54 14.98
N LYS A 50 -16.14 -17.81 14.97
CA LYS A 50 -15.28 -17.79 16.15
C LYS A 50 -14.90 -16.40 16.57
N ILE A 51 -14.58 -16.25 17.86
CA ILE A 51 -14.09 -14.98 18.38
C ILE A 51 -12.69 -15.17 18.97
N PRO A 52 -11.92 -14.08 19.07
CA PRO A 52 -12.30 -12.68 18.80
C PRO A 52 -12.45 -12.27 17.34
N ILE A 53 -13.21 -11.17 17.16
CA ILE A 53 -13.30 -10.47 15.90
C ILE A 53 -13.06 -9.01 16.21
N LEU A 54 -12.58 -8.28 15.22
CA LEU A 54 -12.36 -6.87 15.38
C LEU A 54 -13.08 -6.23 14.22
N GLU A 55 -13.95 -5.26 14.53
CA GLU A 55 -14.62 -4.47 13.51
C GLU A 55 -13.86 -3.16 13.36
N VAL A 56 -13.47 -2.86 12.13
CA VAL A 56 -12.71 -1.66 11.81
C VAL A 56 -13.53 -0.81 10.84
N ASP A 57 -14.11 0.27 11.35
CA ASP A 57 -14.98 1.13 10.53
C ASP A 57 -16.06 0.27 9.87
N GLY A 58 -16.61 -0.67 10.63
CA GLY A 58 -17.67 -1.53 10.10
C GLY A 58 -17.27 -2.76 9.31
N LEU A 59 -15.97 -2.94 9.07
CA LEU A 59 -15.45 -4.12 8.35
C LEU A 59 -14.94 -5.12 9.39
N THR A 60 -15.38 -6.37 9.30
CA THR A 60 -15.02 -7.37 10.30
C THR A 60 -13.75 -8.18 9.97
N LEU A 61 -12.83 -8.21 10.94
CA LEU A 61 -11.59 -8.99 10.85
C LEU A 61 -11.68 -10.11 11.88
N HIS A 62 -11.04 -11.23 11.60
CA HIS A 62 -11.03 -12.37 12.52
C HIS A 62 -9.60 -12.95 12.66
N GLN A 63 -9.44 -13.92 13.55
CA GLN A 63 -8.15 -14.56 13.87
C GLN A 63 -7.29 -13.60 14.69
N SER A 64 -7.19 -13.90 15.99
CA SER A 64 -6.54 -13.00 16.94
C SER A 64 -5.11 -12.62 16.58
N LEU A 65 -4.30 -13.56 16.11
CA LEU A 65 -2.90 -13.25 15.81
C LEU A 65 -2.76 -12.51 14.48
N ALA A 66 -3.64 -12.80 13.55
CA ALA A 66 -3.67 -12.11 12.27
C ALA A 66 -4.01 -10.64 12.55
N ILE A 67 -4.97 -10.42 13.46
CA ILE A 67 -5.36 -9.07 13.88
C ILE A 67 -4.20 -8.40 14.62
N ALA A 68 -3.56 -9.13 15.54
CA ALA A 68 -2.43 -8.55 16.28
C ALA A 68 -1.35 -8.05 15.30
N ARG A 69 -1.01 -8.87 14.30
CA ARG A 69 0.00 -8.50 13.33
C ARG A 69 -0.43 -7.28 12.51
N TYR A 70 -1.68 -7.29 12.07
CA TYR A 70 -2.27 -6.18 11.34
C TYR A 70 -2.13 -4.86 12.12
N LEU A 71 -2.37 -4.91 13.43
CA LEU A 71 -2.27 -3.70 14.28
C LEU A 71 -0.84 -3.20 14.52
N THR A 72 0.13 -4.10 14.49
CA THR A 72 1.52 -3.71 14.72
C THR A 72 2.26 -3.34 13.43
N LYS A 73 1.63 -3.53 12.28
CA LYS A 73 2.29 -3.23 11.00
C LYS A 73 2.78 -1.79 10.95
N ASN A 74 4.02 -1.63 10.50
CA ASN A 74 4.65 -0.30 10.38
C ASN A 74 4.93 0.35 11.72
N THR A 75 4.87 -0.45 12.79
CA THR A 75 5.17 0.04 14.13
C THR A 75 6.42 -0.72 14.55
N ASP A 76 7.09 -0.25 15.59
CA ASP A 76 8.30 -0.91 16.07
C ASP A 76 7.98 -2.18 16.84
N LEU A 77 6.72 -2.32 17.23
CA LEU A 77 6.25 -3.48 17.95
C LEU A 77 6.30 -4.72 17.03
N ALA A 78 6.32 -4.50 15.71
CA ALA A 78 6.35 -5.60 14.74
C ALA A 78 7.69 -6.32 14.58
N GLY A 79 8.78 -5.62 14.90
CA GLY A 79 10.14 -6.09 14.66
C GLY A 79 10.76 -5.01 13.77
N ASN A 80 12.04 -4.75 13.97
CA ASN A 80 12.74 -3.66 13.26
C ASN A 80 13.12 -3.93 11.78
N THR A 81 13.26 -5.20 11.42
CA THR A 81 13.57 -5.59 10.04
C THR A 81 12.62 -6.73 9.67
N GLU A 82 12.58 -7.13 8.40
CA GLU A 82 11.73 -8.26 7.97
C GLU A 82 12.24 -9.54 8.62
N MET A 83 13.55 -9.62 8.81
CA MET A 83 14.12 -10.78 9.49
C MET A 83 13.66 -10.84 10.98
N GLU A 84 13.73 -9.71 11.67
CA GLU A 84 13.27 -9.64 13.07
C GLU A 84 11.79 -9.93 13.16
N GLN A 85 11.02 -9.43 12.19
CA GLN A 85 9.60 -9.72 12.09
C GLN A 85 9.39 -11.22 11.96
N CYS A 86 10.28 -11.91 11.25
CA CYS A 86 10.19 -13.37 11.14
C CYS A 86 10.36 -14.04 12.51
N HIS A 87 11.39 -13.62 13.25
CA HIS A 87 11.67 -14.15 14.61
C HIS A 87 10.49 -13.87 15.54
N VAL A 88 9.93 -12.68 15.46
CA VAL A 88 8.76 -12.29 16.26
C VAL A 88 7.59 -13.26 15.98
N ASP A 89 7.26 -13.41 14.69
CA ASP A 89 6.18 -14.33 14.30
C ASP A 89 6.45 -15.76 14.78
N ALA A 90 7.71 -16.18 14.72
CA ALA A 90 8.09 -17.53 15.08
C ALA A 90 7.94 -17.78 16.57
N ILE A 91 8.38 -16.83 17.39
CA ILE A 91 8.21 -16.94 18.85
C ILE A 91 6.71 -16.95 19.19
N VAL A 92 5.95 -16.06 18.58
CA VAL A 92 4.51 -16.03 18.82
C VAL A 92 3.88 -17.39 18.48
N ASP A 93 4.23 -17.96 17.32
CA ASP A 93 3.72 -19.27 16.93
C ASP A 93 4.11 -20.40 17.90
N THR A 94 5.35 -20.37 18.40
CA THR A 94 5.85 -21.36 19.33
C THR A 94 5.05 -21.34 20.65
N LEU A 95 4.78 -20.14 21.12
CA LEU A 95 3.96 -19.95 22.32
C LEU A 95 2.53 -20.42 22.07
N ASP A 96 1.99 -20.06 20.92
CA ASP A 96 0.63 -20.42 20.58
C ASP A 96 0.46 -21.94 20.44
N ASP A 97 1.42 -22.61 19.79
CA ASP A 97 1.42 -24.06 19.65
C ASP A 97 1.34 -24.71 21.02
N PHE A 98 2.18 -24.26 21.96
CA PHE A 98 2.14 -24.85 23.28
C PHE A 98 0.83 -24.59 24.03
N MET A 99 0.31 -23.34 23.97
CA MET A 99 -0.96 -23.03 24.65
C MET A 99 -2.12 -23.85 24.10
N SER A 100 -2.05 -24.17 22.80
CA SER A 100 -3.08 -24.97 22.12
C SER A 100 -3.13 -26.43 22.59
N CYS A 101 -2.09 -26.89 23.28
CA CYS A 101 -2.03 -28.25 23.81
C CYS A 101 -2.97 -28.46 25.00
N PHE A 102 -3.33 -27.38 25.67
CA PHE A 102 -4.19 -27.47 26.85
C PHE A 102 -5.64 -27.73 26.50
N PRO A 103 -6.27 -28.72 27.17
CA PRO A 103 -7.68 -29.04 26.92
C PRO A 103 -8.59 -28.04 27.63
N TRP A 104 -8.60 -26.80 27.14
CA TRP A 104 -9.36 -25.72 27.76
C TRP A 104 -10.84 -26.01 27.89
N ALA A 105 -11.40 -26.76 26.93
CA ALA A 105 -12.84 -27.04 26.91
C ALA A 105 -13.21 -28.42 27.47
N GLU A 106 -12.24 -29.16 28.01
CA GLU A 106 -12.52 -30.50 28.52
C GLU A 106 -13.60 -30.48 29.60
N LYS A 107 -14.63 -31.30 29.42
CA LYS A 107 -15.75 -31.34 30.38
C LYS A 107 -15.55 -32.31 31.56
N LYS A 108 -14.68 -33.29 31.40
CA LYS A 108 -14.39 -34.22 32.50
C LYS A 108 -13.28 -33.54 33.33
N GLN A 109 -13.65 -33.05 34.51
CA GLN A 109 -12.72 -32.33 35.40
C GLN A 109 -11.45 -33.06 35.81
N ASP A 110 -11.56 -34.38 35.99
CA ASP A 110 -10.40 -35.20 36.34
C ASP A 110 -9.43 -35.34 35.16
N VAL A 111 -9.99 -35.58 33.98
CA VAL A 111 -9.19 -35.68 32.75
C VAL A 111 -8.47 -34.35 32.54
N LYS A 112 -9.20 -33.25 32.69
CA LYS A 112 -8.65 -31.92 32.54
C LYS A 112 -7.49 -31.70 33.52
N GLU A 113 -7.69 -32.08 34.78
CA GLU A 113 -6.65 -31.97 35.79
C GLU A 113 -5.42 -32.82 35.41
N GLN A 114 -5.62 -34.08 35.03
CA GLN A 114 -4.51 -34.97 34.64
C GLN A 114 -3.71 -34.42 33.47
N MET A 115 -4.41 -33.95 32.44
CA MET A 115 -3.74 -33.43 31.25
C MET A 115 -2.94 -32.15 31.56
N PHE A 116 -3.55 -31.25 32.31
CA PHE A 116 -2.88 -30.01 32.74
C PHE A 116 -1.61 -30.31 33.50
N ASN A 117 -1.67 -31.27 34.41
CA ASN A 117 -0.52 -31.65 35.23
C ASN A 117 0.61 -32.27 34.39
N GLU A 118 0.23 -33.07 33.41
CA GLU A 118 1.20 -33.71 32.51
C GLU A 118 1.93 -32.64 31.67
N LEU A 119 1.16 -31.74 31.07
CA LEU A 119 1.71 -30.67 30.24
C LEU A 119 2.57 -29.74 31.07
N LEU A 120 2.15 -29.47 32.30
CA LEU A 120 2.90 -28.55 33.17
C LEU A 120 4.13 -29.17 33.83
N THR A 121 4.14 -30.50 33.93
CA THR A 121 5.27 -31.23 34.54
C THR A 121 6.36 -31.53 33.50
N TYR A 122 5.93 -31.86 32.28
CA TYR A 122 6.90 -32.28 31.27
C TYR A 122 7.15 -31.24 30.20
N ASN A 123 6.10 -30.91 29.45
CA ASN A 123 6.23 -29.99 28.32
C ASN A 123 6.59 -28.54 28.66
N ALA A 124 5.92 -27.96 29.66
CA ALA A 124 6.14 -26.56 30.02
C ALA A 124 7.59 -26.26 30.41
N PRO A 125 8.17 -27.05 31.35
CA PRO A 125 9.57 -26.83 31.69
C PRO A 125 10.49 -27.00 30.49
N HIS A 126 10.15 -27.87 29.54
CA HIS A 126 10.99 -28.00 28.36
C HIS A 126 10.97 -26.72 27.55
N LEU A 127 9.76 -26.20 27.30
CA LEU A 127 9.60 -24.96 26.55
C LEU A 127 10.29 -23.78 27.26
N MET A 128 10.17 -23.74 28.58
CA MET A 128 10.79 -22.66 29.35
C MET A 128 12.30 -22.66 29.18
N GLN A 129 12.91 -23.84 29.16
CA GLN A 129 14.36 -23.92 28.97
C GLN A 129 14.76 -23.42 27.59
N ASP A 130 13.97 -23.76 26.58
CA ASP A 130 14.19 -23.31 25.20
C ASP A 130 14.03 -21.79 25.12
N LEU A 131 12.98 -21.27 25.75
CA LEU A 131 12.72 -19.83 25.78
C LEU A 131 13.82 -19.07 26.51
N ASP A 132 14.19 -19.58 27.68
CA ASP A 132 15.22 -18.96 28.51
C ASP A 132 16.54 -18.87 27.74
N THR A 133 16.94 -19.96 27.10
CA THR A 133 18.21 -19.94 26.35
C THR A 133 18.14 -19.09 25.08
N TYR A 134 16.94 -19.00 24.46
CA TYR A 134 16.74 -18.14 23.29
C TYR A 134 16.91 -16.66 23.63
N LEU A 135 16.32 -16.26 24.76
CA LEU A 135 16.45 -14.89 25.28
C LEU A 135 17.86 -14.57 25.74
N GLY A 136 18.51 -15.56 26.36
CA GLY A 136 19.87 -15.40 26.90
C GLY A 136 19.86 -14.27 27.90
N GLY A 137 20.93 -13.48 27.95
CA GLY A 137 21.01 -12.34 28.83
C GLY A 137 20.52 -11.06 28.16
N ARG A 138 19.78 -11.19 27.06
CA ARG A 138 19.30 -10.03 26.29
C ARG A 138 18.12 -9.31 26.96
N GLU A 139 17.83 -8.10 26.51
CA GLU A 139 16.76 -7.31 27.13
C GLU A 139 15.37 -7.80 26.75
N TRP A 140 15.19 -8.08 25.45
CA TRP A 140 13.90 -8.50 24.91
C TRP A 140 14.09 -9.74 24.04
N LEU A 141 12.99 -10.43 23.74
CA LEU A 141 13.08 -11.66 22.95
C LEU A 141 13.71 -11.43 21.58
N ILE A 142 13.31 -10.37 20.90
CA ILE A 142 13.82 -10.08 19.57
C ILE A 142 14.36 -8.66 19.49
N GLY A 143 15.59 -8.52 18.99
CA GLY A 143 16.21 -7.22 18.75
C GLY A 143 16.44 -6.46 20.03
N ASN A 144 16.51 -5.14 19.94
CA ASN A 144 16.81 -4.35 21.14
C ASN A 144 15.68 -3.51 21.69
N SER A 145 14.45 -3.73 21.19
CA SER A 145 13.29 -3.05 21.73
C SER A 145 12.12 -4.04 21.82
N VAL A 146 11.13 -3.68 22.64
CA VAL A 146 9.98 -4.53 22.86
C VAL A 146 9.23 -4.84 21.54
N THR A 147 8.70 -6.05 21.45
CA THR A 147 7.88 -6.42 20.29
C THR A 147 6.64 -7.11 20.83
N TRP A 148 5.65 -7.32 19.98
CA TRP A 148 4.46 -8.01 20.48
C TRP A 148 4.73 -9.47 20.88
N ALA A 149 5.94 -9.98 20.59
CA ALA A 149 6.33 -11.33 21.03
C ALA A 149 6.54 -11.33 22.54
N ASP A 150 7.14 -10.25 23.06
CA ASP A 150 7.32 -10.12 24.50
C ASP A 150 5.96 -10.01 25.20
N PHE A 151 5.02 -9.31 24.56
CA PHE A 151 3.66 -9.16 25.07
C PHE A 151 3.03 -10.52 25.16
N TYR A 152 3.12 -11.28 24.06
CA TYR A 152 2.49 -12.61 24.02
C TYR A 152 3.13 -13.52 25.05
N TRP A 153 4.44 -13.41 25.24
CA TRP A 153 5.11 -14.20 26.30
C TRP A 153 4.50 -13.87 27.67
N GLU A 154 4.36 -12.58 27.97
CA GLU A 154 3.81 -12.17 29.26
C GLU A 154 2.39 -12.68 29.44
N ILE A 155 1.58 -12.52 28.39
CA ILE A 155 0.18 -13.00 28.37
C ILE A 155 0.05 -14.51 28.57
N CYS A 156 0.82 -15.29 27.80
CA CYS A 156 0.77 -16.75 27.91
C CYS A 156 1.26 -17.20 29.29
N SER A 157 2.41 -16.67 29.72
CA SER A 157 2.96 -17.03 31.05
C SER A 157 2.01 -16.66 32.21
N THR A 158 1.30 -15.54 32.10
CA THR A 158 0.32 -15.16 33.14
C THR A 158 -0.71 -16.27 33.34
N THR A 159 -1.18 -16.85 32.25
CA THR A 159 -2.15 -17.94 32.32
C THR A 159 -1.54 -19.25 32.83
N LEU A 160 -0.35 -19.60 32.36
CA LEU A 160 0.34 -20.80 32.84
C LEU A 160 0.63 -20.72 34.35
N LEU A 161 0.97 -19.53 34.83
CA LEU A 161 1.26 -19.32 36.25
C LEU A 161 0.05 -19.54 37.17
N VAL A 162 -1.16 -19.31 36.65
CA VAL A 162 -2.40 -19.59 37.39
C VAL A 162 -2.45 -21.07 37.81
N PHE A 163 -1.99 -21.96 36.93
CA PHE A 163 -2.02 -23.41 37.16
C PHE A 163 -0.75 -24.03 37.77
N LYS A 164 0.39 -23.38 37.56
CA LYS A 164 1.65 -23.84 38.13
C LYS A 164 2.46 -22.60 38.55
N PRO A 165 2.12 -22.03 39.72
CA PRO A 165 2.78 -20.80 40.22
C PRO A 165 4.32 -20.85 40.29
N ASP A 166 4.90 -22.03 40.42
CA ASP A 166 6.36 -22.17 40.53
C ASP A 166 7.05 -22.45 39.20
N LEU A 167 6.30 -22.35 38.10
CA LEU A 167 6.81 -22.68 36.78
C LEU A 167 8.09 -21.89 36.45
N LEU A 168 8.14 -20.64 36.85
CA LEU A 168 9.31 -19.83 36.53
C LEU A 168 10.29 -19.65 37.68
N ASP A 169 10.11 -20.46 38.72
CA ASP A 169 10.97 -20.34 39.90
C ASP A 169 12.45 -20.56 39.64
N ASN A 170 12.75 -21.30 38.58
CA ASN A 170 14.14 -21.55 38.18
C ASN A 170 14.54 -20.79 36.91
N HIS A 171 13.71 -19.82 36.50
CA HIS A 171 13.99 -19.01 35.31
C HIS A 171 13.87 -17.52 35.62
N PRO A 172 14.82 -16.98 36.44
CA PRO A 172 14.73 -15.55 36.78
C PRO A 172 14.76 -14.64 35.55
N ARG A 173 15.45 -15.04 34.48
CA ARG A 173 15.52 -14.23 33.26
C ARG A 173 14.15 -14.09 32.61
N LEU A 174 13.32 -15.13 32.71
CA LEU A 174 11.98 -15.09 32.13
C LEU A 174 11.02 -14.29 33.02
N VAL A 175 11.26 -14.31 34.33
CA VAL A 175 10.49 -13.50 35.28
C VAL A 175 10.79 -12.04 34.99
N THR A 176 12.07 -11.73 34.77
CA THR A 176 12.52 -10.35 34.49
C THR A 176 11.88 -9.83 33.21
N LEU A 177 11.75 -10.70 32.20
CA LEU A 177 11.08 -10.31 30.96
C LEU A 177 9.62 -9.98 31.25
N ARG A 178 8.94 -10.80 32.05
CA ARG A 178 7.55 -10.50 32.44
C ARG A 178 7.45 -9.14 33.12
N LYS A 179 8.33 -8.89 34.09
CA LYS A 179 8.33 -7.62 34.82
C LYS A 179 8.59 -6.43 33.89
N LYS A 180 9.51 -6.58 32.92
CA LYS A 180 9.79 -5.49 31.96
C LYS A 180 8.57 -5.13 31.12
N VAL A 181 7.88 -6.15 30.63
CA VAL A 181 6.66 -5.91 29.85
C VAL A 181 5.58 -5.26 30.71
N GLN A 182 5.36 -5.81 31.91
CA GLN A 182 4.33 -5.26 32.82
C GLN A 182 4.60 -3.82 33.24
N ALA A 183 5.88 -3.46 33.27
CA ALA A 183 6.32 -2.12 33.67
C ALA A 183 6.21 -1.04 32.59
N ILE A 184 6.01 -1.43 31.34
CA ILE A 184 5.80 -0.46 30.27
C ILE A 184 4.53 0.29 30.70
N PRO A 185 4.59 1.64 30.81
CA PRO A 185 3.47 2.45 31.33
C PRO A 185 2.10 2.16 30.71
N ALA A 186 2.01 2.05 29.39
CA ALA A 186 0.71 1.75 28.75
C ALA A 186 0.19 0.38 29.17
N VAL A 187 1.12 -0.57 29.36
CA VAL A 187 0.75 -1.92 29.78
C VAL A 187 0.38 -1.93 31.26
N ALA A 188 1.21 -1.28 32.08
CA ALA A 188 0.96 -1.22 33.52
C ALA A 188 -0.44 -0.64 33.79
N ASN A 189 -0.78 0.42 33.07
CA ASN A 189 -2.09 1.09 33.15
C ASN A 189 -3.23 0.13 32.80
N TRP A 190 -3.07 -0.57 31.69
CA TRP A 190 -4.07 -1.55 31.23
C TRP A 190 -4.29 -2.67 32.24
N ILE A 191 -3.21 -3.27 32.75
CA ILE A 191 -3.31 -4.38 33.71
C ILE A 191 -4.03 -3.97 34.99
N LYS A 192 -3.88 -2.72 35.36
CA LYS A 192 -4.53 -2.20 36.55
C LYS A 192 -6.04 -2.05 36.32
N ARG A 193 -6.43 -1.53 35.17
CA ARG A 193 -7.85 -1.27 34.90
C ARG A 193 -8.67 -2.38 34.24
N ARG A 194 -8.00 -3.41 33.69
CA ARG A 194 -8.73 -4.53 33.03
C ARG A 194 -9.57 -5.34 34.02
N PRO A 195 -10.70 -5.91 33.55
CA PRO A 195 -11.50 -6.79 34.39
C PRO A 195 -10.68 -7.96 34.91
N GLN A 196 -10.83 -8.29 36.20
CA GLN A 196 -10.10 -9.41 36.77
C GLN A 196 -10.84 -10.70 36.48
N THR A 197 -10.18 -11.62 35.78
CA THR A 197 -10.75 -12.90 35.39
C THR A 197 -9.71 -13.97 35.61
N LYS A 198 -10.12 -15.22 35.76
CA LYS A 198 -9.16 -16.29 35.95
C LYS A 198 -8.31 -16.51 34.68
N LEU A 199 -9.00 -16.57 33.55
CA LEU A 199 -8.34 -16.82 32.27
C LEU A 199 -8.33 -15.61 31.34
N PRO B 2 20.50 -14.67 -1.52
CA PRO B 2 21.08 -15.39 -0.39
C PRO B 2 21.08 -16.89 -0.62
N ASN B 3 21.81 -17.64 0.21
CA ASN B 3 21.77 -19.09 0.11
C ASN B 3 20.65 -19.57 1.01
N TYR B 4 19.81 -20.46 0.51
CA TYR B 4 18.70 -20.99 1.29
C TYR B 4 18.78 -22.49 1.40
N LYS B 5 18.65 -23.02 2.62
CA LYS B 5 18.60 -24.45 2.86
C LYS B 5 17.39 -24.75 3.71
N LEU B 6 16.40 -25.41 3.10
CA LEU B 6 15.20 -25.84 3.80
C LEU B 6 15.38 -27.26 4.31
N THR B 7 15.10 -27.48 5.59
CA THR B 7 15.21 -28.82 6.16
C THR B 7 13.87 -29.30 6.69
N TYR B 8 13.48 -30.50 6.27
CA TYR B 8 12.22 -31.11 6.70
C TYR B 8 12.22 -32.59 6.36
N PHE B 9 11.15 -33.29 6.70
CA PHE B 9 11.05 -34.70 6.34
C PHE B 9 10.83 -34.83 4.84
N ASN B 10 10.85 -36.07 4.34
CA ASN B 10 10.57 -36.31 2.95
C ASN B 10 9.06 -36.39 2.77
N MET B 11 8.42 -35.22 2.80
CA MET B 11 6.97 -35.11 2.59
C MET B 11 6.61 -33.67 2.31
N ARG B 12 5.40 -33.46 1.82
CA ARG B 12 4.93 -32.11 1.60
C ARG B 12 4.80 -31.49 3.01
N GLY B 13 3.86 -32.01 3.80
CA GLY B 13 3.63 -31.55 5.18
C GLY B 13 3.70 -30.05 5.37
N ARG B 14 4.39 -29.63 6.42
CA ARG B 14 4.47 -28.22 6.76
C ARG B 14 5.51 -27.43 5.97
N ALA B 15 6.39 -28.11 5.23
CA ALA B 15 7.38 -27.42 4.40
C ALA B 15 6.79 -26.99 3.05
N GLU B 16 5.72 -27.66 2.62
CA GLU B 16 5.19 -27.43 1.26
C GLU B 16 4.86 -25.99 0.91
N ILE B 17 4.26 -25.24 1.85
CA ILE B 17 3.95 -23.83 1.61
C ILE B 17 5.22 -23.02 1.25
N ILE B 18 6.33 -23.33 1.92
CA ILE B 18 7.62 -22.68 1.68
C ILE B 18 8.09 -23.05 0.27
N ARG B 19 7.97 -24.33 -0.07
CA ARG B 19 8.37 -24.85 -1.39
C ARG B 19 7.57 -24.19 -2.53
N TYR B 20 6.27 -23.97 -2.33
CA TYR B 20 5.46 -23.28 -3.35
C TYR B 20 5.89 -21.82 -3.50
N ILE B 21 6.17 -21.17 -2.38
CA ILE B 21 6.61 -19.77 -2.38
C ILE B 21 7.94 -19.63 -3.11
N PHE B 22 8.91 -20.51 -2.83
CA PHE B 22 10.19 -20.46 -3.54
C PHE B 22 10.00 -20.66 -5.04
N ALA B 23 9.13 -21.60 -5.38
CA ALA B 23 8.79 -21.92 -6.78
C ALA B 23 8.20 -20.69 -7.48
N TYR B 24 7.16 -20.11 -6.87
CA TYR B 24 6.49 -18.96 -7.44
C TYR B 24 7.42 -17.76 -7.63
N LEU B 25 8.27 -17.51 -6.63
CA LEU B 25 9.18 -16.36 -6.66
C LEU B 25 10.48 -16.62 -7.45
N ASP B 26 10.62 -17.85 -7.96
CA ASP B 26 11.76 -18.30 -8.75
C ASP B 26 13.09 -18.13 -7.98
N ILE B 27 13.07 -18.58 -6.72
CA ILE B 27 14.23 -18.54 -5.84
C ILE B 27 14.80 -19.95 -5.72
N GLN B 28 16.09 -20.11 -6.00
CA GLN B 28 16.75 -21.41 -5.87
C GLN B 28 17.03 -21.67 -4.40
N TYR B 29 16.95 -22.93 -3.99
CA TYR B 29 17.21 -23.32 -2.60
C TYR B 29 17.55 -24.79 -2.55
N GLU B 30 18.22 -25.21 -1.47
CA GLU B 30 18.50 -26.61 -1.24
C GLU B 30 17.31 -27.20 -0.51
N ASP B 31 16.68 -28.20 -1.12
CA ASP B 31 15.51 -28.88 -0.56
C ASP B 31 16.00 -30.10 0.23
N HIS B 32 16.46 -29.86 1.46
CA HIS B 32 17.01 -30.93 2.27
C HIS B 32 15.93 -31.75 2.99
N ARG B 33 15.86 -33.04 2.63
CA ARG B 33 14.88 -33.97 3.21
C ARG B 33 15.57 -35.04 4.06
N ILE B 34 15.15 -35.15 5.31
CA ILE B 34 15.79 -36.10 6.23
C ILE B 34 14.98 -37.35 6.55
N GLU B 35 15.69 -38.42 6.91
CA GLU B 35 15.05 -39.66 7.35
C GLU B 35 14.69 -39.49 8.82
N GLN B 36 13.64 -40.17 9.27
CA GLN B 36 13.21 -40.04 10.66
C GLN B 36 14.35 -40.46 11.60
N ALA B 37 15.08 -41.52 11.22
CA ALA B 37 16.20 -42.02 12.06
C ALA B 37 17.24 -40.95 12.41
N ASP B 38 17.42 -39.96 11.52
CA ASP B 38 18.40 -38.89 11.75
C ASP B 38 17.81 -37.64 12.42
N TRP B 39 16.50 -37.66 12.66
CA TRP B 39 15.79 -36.54 13.29
C TRP B 39 16.24 -36.24 14.74
N PRO B 40 16.13 -37.22 15.65
CA PRO B 40 16.56 -36.97 17.04
C PRO B 40 17.89 -36.25 17.16
N GLU B 41 18.84 -36.56 16.28
CA GLU B 41 20.17 -35.96 16.32
C GLU B 41 20.12 -34.47 15.95
N ILE B 42 19.44 -34.14 14.86
CA ILE B 42 19.29 -32.74 14.43
C ILE B 42 18.41 -31.93 15.41
N LYS B 43 17.34 -32.56 15.90
CA LYS B 43 16.40 -31.96 16.87
C LYS B 43 17.10 -31.42 18.14
N SER B 44 18.08 -32.18 18.62
CA SER B 44 18.84 -31.80 19.82
C SER B 44 19.66 -30.51 19.65
N THR B 45 19.94 -30.10 18.41
CA THR B 45 20.76 -28.90 18.19
C THR B 45 19.93 -27.67 17.88
N LEU B 46 18.62 -27.85 17.75
CA LEU B 46 17.71 -26.76 17.41
C LEU B 46 17.20 -26.01 18.64
N PRO B 47 17.24 -24.68 18.59
CA PRO B 47 16.71 -23.82 19.65
C PRO B 47 15.32 -24.29 20.15
N PHE B 48 14.42 -24.69 19.23
CA PHE B 48 13.06 -25.14 19.60
C PHE B 48 12.64 -26.56 19.18
N GLY B 49 13.57 -27.32 18.62
CA GLY B 49 13.33 -28.72 18.28
C GLY B 49 12.21 -29.08 17.33
N LYS B 50 11.86 -28.18 16.41
CA LYS B 50 10.81 -28.49 15.42
C LYS B 50 11.29 -28.16 14.00
N ILE B 51 10.72 -28.86 13.02
CA ILE B 51 10.98 -28.58 11.61
C ILE B 51 9.63 -28.33 10.95
N PRO B 52 9.60 -27.63 9.80
CA PRO B 52 10.74 -27.14 9.01
C PRO B 52 11.56 -26.01 9.61
N ILE B 53 12.82 -25.93 9.17
CA ILE B 53 13.68 -24.84 9.50
C ILE B 53 14.21 -24.35 8.16
N LEU B 54 14.53 -23.06 8.11
CA LEU B 54 15.12 -22.47 6.91
C LEU B 54 16.38 -21.75 7.31
N GLU B 55 17.52 -22.24 6.81
CA GLU B 55 18.81 -21.59 7.06
C GLU B 55 19.04 -20.58 5.96
N VAL B 56 19.25 -19.34 6.37
CA VAL B 56 19.47 -18.22 5.46
C VAL B 56 20.79 -17.62 5.96
N ASP B 57 21.78 -17.57 5.06
CA ASP B 57 23.13 -17.15 5.43
C ASP B 57 23.53 -18.02 6.64
N GLY B 58 23.81 -17.40 7.77
CA GLY B 58 24.23 -18.13 8.97
C GLY B 58 23.22 -18.23 10.09
N LEU B 59 21.95 -17.95 9.78
CA LEU B 59 20.91 -18.07 10.81
C LEU B 59 19.92 -19.17 10.46
N THR B 60 19.24 -19.65 11.49
CA THR B 60 18.23 -20.65 11.30
C THR B 60 16.91 -19.93 11.54
N LEU B 61 15.93 -20.25 10.72
CA LEU B 61 14.59 -19.71 10.89
C LEU B 61 13.73 -20.90 11.17
N HIS B 62 12.66 -20.71 11.94
CA HIS B 62 11.78 -21.81 12.26
C HIS B 62 10.33 -21.35 12.18
N GLN B 63 9.40 -22.31 12.28
CA GLN B 63 7.95 -22.05 12.16
C GLN B 63 7.60 -21.78 10.71
N SER B 64 7.00 -22.78 10.07
CA SER B 64 6.66 -22.71 8.64
C SER B 64 5.89 -21.48 8.21
N LEU B 65 4.91 -21.05 8.99
CA LEU B 65 4.12 -19.89 8.58
C LEU B 65 4.85 -18.59 8.80
N ALA B 66 5.72 -18.56 9.81
CA ALA B 66 6.56 -17.38 10.06
C ALA B 66 7.50 -17.20 8.87
N ILE B 67 8.07 -18.29 8.40
CA ILE B 67 8.97 -18.31 7.24
C ILE B 67 8.20 -17.91 5.96
N ALA B 68 7.01 -18.48 5.79
CA ALA B 68 6.17 -18.14 4.63
C ALA B 68 5.83 -16.65 4.60
N ARG B 69 5.50 -16.10 5.77
CA ARG B 69 5.21 -14.68 5.92
C ARG B 69 6.43 -13.83 5.56
N TYR B 70 7.61 -14.28 5.98
CA TYR B 70 8.86 -13.58 5.69
C TYR B 70 9.13 -13.55 4.17
N LEU B 71 9.04 -14.73 3.55
CA LEU B 71 9.32 -14.83 2.12
C LEU B 71 8.34 -14.09 1.23
N THR B 72 7.08 -13.97 1.66
CA THR B 72 6.05 -13.31 0.84
C THR B 72 5.93 -11.80 1.10
N LYS B 73 6.63 -11.31 2.12
CA LYS B 73 6.54 -9.90 2.49
C LYS B 73 7.03 -9.02 1.33
N ASN B 74 6.21 -8.03 0.97
CA ASN B 74 6.50 -7.13 -0.16
C ASN B 74 6.63 -7.84 -1.51
N THR B 75 5.87 -8.92 -1.68
CA THR B 75 5.81 -9.61 -2.96
C THR B 75 4.35 -9.57 -3.36
N ASP B 76 4.04 -9.99 -4.59
CA ASP B 76 2.66 -10.02 -5.03
C ASP B 76 1.84 -11.13 -4.37
N LEU B 77 2.49 -11.99 -3.59
CA LEU B 77 1.77 -13.05 -2.85
C LEU B 77 1.21 -12.57 -1.52
N ALA B 78 1.61 -11.37 -1.10
CA ALA B 78 1.04 -10.78 0.12
C ALA B 78 -0.21 -10.03 -0.32
N GLY B 79 -1.12 -9.77 0.60
CA GLY B 79 -2.32 -9.01 0.28
C GLY B 79 -1.97 -7.65 -0.31
N ASN B 80 -2.92 -7.07 -1.06
CA ASN B 80 -2.72 -5.77 -1.72
C ASN B 80 -2.93 -4.51 -0.86
N THR B 81 -3.50 -4.70 0.32
CA THR B 81 -3.71 -3.59 1.27
C THR B 81 -3.43 -4.12 2.68
N GLU B 82 -3.29 -3.23 3.65
CA GLU B 82 -3.06 -3.66 5.03
C GLU B 82 -4.14 -4.64 5.47
N MET B 83 -5.40 -4.30 5.15
CA MET B 83 -6.52 -5.14 5.51
C MET B 83 -6.54 -6.47 4.76
N GLU B 84 -6.19 -6.46 3.48
CA GLU B 84 -6.08 -7.71 2.70
C GLU B 84 -5.01 -8.61 3.29
N GLN B 85 -3.90 -8.02 3.73
CA GLN B 85 -2.85 -8.81 4.37
C GLN B 85 -3.40 -9.49 5.61
N CYS B 86 -4.28 -8.79 6.33
CA CYS B 86 -4.87 -9.36 7.54
C CYS B 86 -5.75 -10.55 7.17
N HIS B 87 -6.55 -10.42 6.11
CA HIS B 87 -7.40 -11.53 5.67
C HIS B 87 -6.58 -12.71 5.16
N VAL B 88 -5.45 -12.43 4.48
CA VAL B 88 -4.56 -13.51 4.01
C VAL B 88 -4.09 -14.29 5.25
N ASP B 89 -3.58 -13.55 6.23
CA ASP B 89 -3.11 -14.18 7.49
C ASP B 89 -4.23 -14.94 8.21
N ALA B 90 -5.44 -14.36 8.25
CA ALA B 90 -6.57 -14.99 8.93
C ALA B 90 -7.04 -16.29 8.26
N ILE B 91 -7.09 -16.31 6.94
CA ILE B 91 -7.47 -17.55 6.22
C ILE B 91 -6.41 -18.65 6.43
N VAL B 92 -5.13 -18.28 6.34
CA VAL B 92 -4.04 -19.24 6.63
C VAL B 92 -4.19 -19.82 8.03
N ASP B 93 -4.43 -18.96 9.02
CA ASP B 93 -4.59 -19.41 10.41
C ASP B 93 -5.81 -20.31 10.61
N THR B 94 -6.90 -20.03 9.91
CA THR B 94 -8.11 -20.87 10.00
C THR B 94 -7.80 -22.29 9.50
N LEU B 95 -7.12 -22.36 8.37
CA LEU B 95 -6.73 -23.65 7.79
C LEU B 95 -5.73 -24.33 8.72
N ASP B 96 -4.76 -23.57 9.21
CA ASP B 96 -3.73 -24.15 10.11
C ASP B 96 -4.31 -24.68 11.41
N ASP B 97 -5.25 -23.94 11.99
CA ASP B 97 -5.96 -24.34 13.23
C ASP B 97 -6.60 -25.72 13.04
N PHE B 98 -7.19 -25.95 11.87
CA PHE B 98 -7.81 -27.24 11.61
C PHE B 98 -6.77 -28.34 11.36
N MET B 99 -5.78 -28.05 10.50
CA MET B 99 -4.73 -29.06 10.22
C MET B 99 -3.95 -29.47 11.50
N SER B 100 -3.87 -28.56 12.45
CA SER B 100 -3.17 -28.79 13.72
C SER B 100 -3.91 -29.72 14.70
N CYS B 101 -5.20 -29.95 14.45
CA CYS B 101 -5.99 -30.85 15.28
C CYS B 101 -5.63 -32.31 15.05
N PHE B 102 -5.03 -32.60 13.90
CA PHE B 102 -4.69 -33.98 13.55
C PHE B 102 -3.52 -34.51 14.37
N PRO B 103 -3.68 -35.70 14.97
CA PRO B 103 -2.62 -36.29 15.78
C PRO B 103 -1.60 -36.96 14.85
N TRP B 104 -0.87 -36.13 14.09
CA TRP B 104 0.07 -36.63 13.07
C TRP B 104 1.11 -37.60 13.62
N ALA B 105 1.52 -37.38 14.86
CA ALA B 105 2.58 -38.15 15.49
C ALA B 105 2.10 -39.24 16.45
N GLU B 106 0.79 -39.46 16.51
CA GLU B 106 0.22 -40.47 17.39
C GLU B 106 0.80 -41.86 17.07
N LYS B 107 1.30 -42.51 18.12
CA LYS B 107 1.93 -43.83 17.99
C LYS B 107 0.95 -44.99 17.87
N LYS B 108 -0.19 -44.88 18.58
CA LYS B 108 -1.22 -45.92 18.54
C LYS B 108 -2.04 -45.76 17.27
N GLN B 109 -1.94 -46.74 16.38
CA GLN B 109 -2.63 -46.68 15.09
C GLN B 109 -4.15 -46.57 15.23
N ASP B 110 -4.73 -47.36 16.14
CA ASP B 110 -6.17 -47.36 16.40
C ASP B 110 -6.70 -45.99 16.84
N VAL B 111 -6.01 -45.39 17.80
CA VAL B 111 -6.36 -44.07 18.33
C VAL B 111 -6.23 -43.00 17.24
N LYS B 112 -5.14 -43.07 16.47
CA LYS B 112 -4.84 -42.13 15.39
C LYS B 112 -5.93 -42.19 14.34
N GLU B 113 -6.20 -43.39 13.81
CA GLU B 113 -7.23 -43.57 12.79
C GLU B 113 -8.58 -43.03 13.25
N GLN B 114 -8.93 -43.32 14.50
CA GLN B 114 -10.18 -42.85 15.09
C GLN B 114 -10.30 -41.33 15.04
N MET B 115 -9.32 -40.63 15.62
CA MET B 115 -9.34 -39.16 15.66
C MET B 115 -9.34 -38.57 14.27
N PHE B 116 -8.55 -39.14 13.36
CA PHE B 116 -8.55 -38.72 11.98
C PHE B 116 -9.96 -38.82 11.39
N ASN B 117 -10.55 -40.01 11.54
CA ASN B 117 -11.90 -40.24 11.03
C ASN B 117 -12.90 -39.24 11.60
N GLU B 118 -12.80 -38.98 12.91
CA GLU B 118 -13.69 -38.03 13.59
C GLU B 118 -13.55 -36.63 13.00
N LEU B 119 -12.31 -36.13 12.96
CA LEU B 119 -12.04 -34.79 12.40
C LEU B 119 -12.51 -34.64 10.96
N LEU B 120 -12.24 -35.64 10.14
CA LEU B 120 -12.61 -35.64 8.72
C LEU B 120 -14.12 -35.76 8.52
N THR B 121 -14.76 -36.59 9.33
CA THR B 121 -16.19 -36.84 9.17
C THR B 121 -17.03 -35.76 9.82
N TYR B 122 -16.62 -35.29 11.00
CA TYR B 122 -17.47 -34.36 11.76
C TYR B 122 -17.12 -32.88 11.68
N ASN B 123 -15.84 -32.58 11.46
CA ASN B 123 -15.38 -31.17 11.46
C ASN B 123 -15.06 -30.58 10.10
N ALA B 124 -14.31 -31.34 9.30
CA ALA B 124 -13.90 -30.87 7.99
C ALA B 124 -15.03 -30.32 7.12
N PRO B 125 -16.21 -30.99 7.07
CA PRO B 125 -17.25 -30.43 6.18
C PRO B 125 -17.70 -29.00 6.56
N HIS B 126 -17.67 -28.67 7.84
CA HIS B 126 -18.04 -27.32 8.29
C HIS B 126 -17.02 -26.28 7.84
N LEU B 127 -15.74 -26.64 7.87
CA LEU B 127 -14.69 -25.75 7.38
C LEU B 127 -14.90 -25.49 5.90
N MET B 128 -15.22 -26.56 5.17
CA MET B 128 -15.46 -26.44 3.75
C MET B 128 -16.65 -25.51 3.52
N GLN B 129 -17.71 -25.67 4.31
CA GLN B 129 -18.89 -24.78 4.16
C GLN B 129 -18.49 -23.33 4.36
N ASP B 130 -17.75 -23.07 5.43
CA ASP B 130 -17.28 -21.70 5.72
C ASP B 130 -16.41 -21.09 4.64
N LEU B 131 -15.48 -21.88 4.12
CA LEU B 131 -14.58 -21.42 3.05
C LEU B 131 -15.35 -21.15 1.76
N ASP B 132 -16.31 -22.02 1.47
CA ASP B 132 -17.09 -21.88 0.23
C ASP B 132 -17.87 -20.56 0.28
N THR B 133 -18.57 -20.34 1.39
CA THR B 133 -19.34 -19.10 1.58
C THR B 133 -18.44 -17.87 1.53
N TYR B 134 -17.27 -17.96 2.18
CA TYR B 134 -16.30 -16.87 2.21
C TYR B 134 -15.80 -16.51 0.82
N LEU B 135 -15.41 -17.52 0.04
CA LEU B 135 -14.95 -17.31 -1.32
C LEU B 135 -16.07 -16.70 -2.15
N GLY B 136 -17.27 -17.27 -2.01
CA GLY B 136 -18.44 -16.81 -2.75
C GLY B 136 -18.23 -17.08 -4.22
N GLY B 137 -18.37 -16.05 -5.04
CA GLY B 137 -18.19 -16.18 -6.49
C GLY B 137 -16.92 -15.50 -6.97
N ARG B 138 -16.04 -15.18 -6.02
CA ARG B 138 -14.77 -14.50 -6.31
C ARG B 138 -13.74 -15.47 -6.90
N GLU B 139 -12.71 -14.92 -7.55
CA GLU B 139 -11.66 -15.73 -8.18
C GLU B 139 -10.68 -16.34 -7.19
N TRP B 140 -10.26 -15.54 -6.22
CA TRP B 140 -9.27 -15.96 -5.23
C TRP B 140 -9.81 -15.70 -3.82
N LEU B 141 -9.22 -16.35 -2.83
CA LEU B 141 -9.68 -16.18 -1.44
C LEU B 141 -9.61 -14.73 -0.96
N ILE B 142 -8.55 -14.01 -1.32
CA ILE B 142 -8.43 -12.60 -0.94
C ILE B 142 -8.14 -11.72 -2.16
N GLY B 143 -8.96 -10.69 -2.31
CA GLY B 143 -8.75 -9.72 -3.38
C GLY B 143 -8.97 -10.21 -4.78
N ASN B 144 -8.29 -9.56 -5.71
CA ASN B 144 -8.40 -9.81 -7.15
C ASN B 144 -7.30 -10.69 -7.72
N SER B 145 -6.26 -10.99 -6.94
CA SER B 145 -5.18 -11.85 -7.40
C SER B 145 -4.77 -12.91 -6.36
N VAL B 146 -3.96 -13.87 -6.83
CA VAL B 146 -3.50 -14.98 -5.99
C VAL B 146 -2.67 -14.47 -4.81
N THR B 147 -2.79 -15.14 -3.67
CA THR B 147 -1.96 -14.81 -2.50
C THR B 147 -1.51 -16.15 -1.94
N TRP B 148 -0.59 -16.13 -0.99
CA TRP B 148 -0.15 -17.42 -0.45
C TRP B 148 -1.25 -18.15 0.34
N ALA B 149 -2.35 -17.45 0.67
CA ALA B 149 -3.49 -18.14 1.27
C ALA B 149 -4.10 -19.13 0.27
N ASP B 150 -4.13 -18.76 -1.02
CA ASP B 150 -4.61 -19.70 -2.04
C ASP B 150 -3.71 -20.94 -2.12
N PHE B 151 -2.40 -20.70 -2.05
CA PHE B 151 -1.40 -21.78 -2.00
C PHE B 151 -1.69 -22.69 -0.80
N TYR B 152 -1.87 -22.09 0.38
CA TYR B 152 -2.09 -22.89 1.59
C TYR B 152 -3.39 -23.69 1.50
N TRP B 153 -4.43 -23.09 0.94
CA TRP B 153 -5.69 -23.82 0.72
C TRP B 153 -5.47 -25.06 -0.15
N GLU B 154 -4.74 -24.89 -1.26
CA GLU B 154 -4.46 -25.96 -2.20
C GLU B 154 -3.67 -27.08 -1.49
N ILE B 155 -2.65 -26.69 -0.73
CA ILE B 155 -1.80 -27.61 0.02
C ILE B 155 -2.58 -28.40 1.09
N CYS B 156 -3.32 -27.69 1.93
CA CYS B 156 -4.10 -28.33 2.97
C CYS B 156 -5.18 -29.26 2.39
N SER B 157 -5.90 -28.77 1.38
CA SER B 157 -6.96 -29.57 0.76
C SER B 157 -6.41 -30.83 0.10
N THR B 158 -5.22 -30.74 -0.50
CA THR B 158 -4.57 -31.89 -1.12
C THR B 158 -4.40 -33.01 -0.09
N THR B 159 -3.84 -32.68 1.07
CA THR B 159 -3.69 -33.66 2.15
C THR B 159 -5.04 -34.19 2.70
N LEU B 160 -6.01 -33.30 2.93
CA LEU B 160 -7.32 -33.73 3.41
C LEU B 160 -8.00 -34.71 2.45
N LEU B 161 -7.84 -34.45 1.16
CA LEU B 161 -8.43 -35.29 0.11
C LEU B 161 -7.81 -36.68 0.05
N VAL B 162 -6.56 -36.80 0.49
CA VAL B 162 -5.92 -38.11 0.57
C VAL B 162 -6.76 -39.01 1.48
N PHE B 163 -7.26 -38.45 2.59
CA PHE B 163 -8.00 -39.24 3.57
C PHE B 163 -9.51 -39.24 3.34
N LYS B 164 -10.01 -38.19 2.71
CA LYS B 164 -11.45 -38.05 2.45
C LYS B 164 -11.67 -37.50 1.03
N PRO B 165 -11.55 -38.37 0.02
CA PRO B 165 -11.66 -37.99 -1.39
C PRO B 165 -12.97 -37.29 -1.76
N ASP B 166 -14.03 -37.54 -1.01
CA ASP B 166 -15.34 -36.95 -1.31
C ASP B 166 -15.59 -35.60 -0.66
N LEU B 167 -14.58 -35.08 0.04
CA LEU B 167 -14.70 -33.82 0.79
C LEU B 167 -15.23 -32.61 0.02
N LEU B 168 -14.89 -32.52 -1.27
CA LEU B 168 -15.31 -31.38 -2.09
C LEU B 168 -16.39 -31.67 -3.15
N ASP B 169 -17.00 -32.85 -3.08
CA ASP B 169 -18.06 -33.21 -4.02
C ASP B 169 -19.23 -32.20 -4.06
N ASN B 170 -19.43 -31.48 -2.97
CA ASN B 170 -20.52 -30.50 -2.91
C ASN B 170 -20.00 -29.05 -2.96
N HIS B 171 -18.72 -28.92 -3.29
CA HIS B 171 -18.09 -27.61 -3.35
C HIS B 171 -17.31 -27.37 -4.65
N PRO B 172 -18.04 -27.26 -5.78
CA PRO B 172 -17.38 -27.08 -7.06
C PRO B 172 -16.51 -25.83 -7.13
N ARG B 173 -16.94 -24.74 -6.47
CA ARG B 173 -16.16 -23.49 -6.45
C ARG B 173 -14.80 -23.67 -5.75
N LEU B 174 -14.75 -24.53 -4.74
CA LEU B 174 -13.48 -24.83 -4.05
C LEU B 174 -12.59 -25.74 -4.91
N VAL B 175 -13.22 -26.62 -5.69
CA VAL B 175 -12.50 -27.49 -6.62
C VAL B 175 -11.90 -26.61 -7.70
N THR B 176 -12.69 -25.63 -8.18
CA THR B 176 -12.20 -24.67 -9.19
C THR B 176 -11.01 -23.88 -8.66
N LEU B 177 -11.06 -23.48 -7.39
CA LEU B 177 -9.95 -22.72 -6.82
C LEU B 177 -8.65 -23.55 -6.79
N ARG B 178 -8.75 -24.80 -6.33
CA ARG B 178 -7.61 -25.72 -6.35
C ARG B 178 -7.02 -25.81 -7.74
N LYS B 179 -7.89 -26.00 -8.73
CA LYS B 179 -7.47 -26.07 -10.13
C LYS B 179 -6.75 -24.81 -10.58
N LYS B 180 -7.27 -23.63 -10.23
CA LYS B 180 -6.61 -22.36 -10.59
C LYS B 180 -5.20 -22.28 -10.02
N VAL B 181 -5.06 -22.64 -8.75
CA VAL B 181 -3.73 -22.61 -8.13
C VAL B 181 -2.79 -23.60 -8.84
N GLN B 182 -3.27 -24.81 -9.09
CA GLN B 182 -2.45 -25.84 -9.73
C GLN B 182 -2.08 -25.47 -11.17
N ALA B 183 -2.84 -24.53 -11.76
CA ALA B 183 -2.60 -24.08 -13.15
C ALA B 183 -1.57 -22.96 -13.25
N ILE B 184 -1.28 -22.29 -12.13
CA ILE B 184 -0.25 -21.25 -12.12
C ILE B 184 1.05 -21.92 -12.59
N PRO B 185 1.70 -21.36 -13.64
CA PRO B 185 2.89 -22.03 -14.21
C PRO B 185 3.97 -22.51 -13.23
N ALA B 186 4.47 -21.63 -12.35
CA ALA B 186 5.48 -22.03 -11.36
C ALA B 186 5.02 -23.15 -10.44
N VAL B 187 3.75 -23.11 -10.06
CA VAL B 187 3.15 -24.15 -9.21
C VAL B 187 2.99 -25.45 -9.98
N ALA B 188 2.47 -25.36 -11.20
CA ALA B 188 2.29 -26.52 -12.07
C ALA B 188 3.62 -27.25 -12.22
N ASN B 189 4.68 -26.51 -12.52
CA ASN B 189 6.01 -27.07 -12.72
C ASN B 189 6.55 -27.78 -11.47
N TRP B 190 6.31 -27.16 -10.31
CA TRP B 190 6.74 -27.76 -9.06
C TRP B 190 5.93 -29.03 -8.75
N ILE B 191 4.62 -28.98 -8.97
CA ILE B 191 3.75 -30.15 -8.73
C ILE B 191 4.17 -31.34 -9.62
N LYS B 192 4.59 -31.03 -10.86
CA LYS B 192 5.03 -32.06 -11.80
C LYS B 192 6.33 -32.71 -11.32
N ARG B 193 7.31 -31.88 -10.91
CA ARG B 193 8.64 -32.37 -10.54
C ARG B 193 8.92 -32.78 -9.08
N ARG B 194 8.07 -32.38 -8.14
CA ARG B 194 8.32 -32.69 -6.72
C ARG B 194 8.30 -34.19 -6.40
N PRO B 195 9.04 -34.59 -5.35
CA PRO B 195 8.97 -35.97 -4.89
C PRO B 195 7.52 -36.35 -4.59
N GLN B 196 7.08 -37.49 -5.08
CA GLN B 196 5.69 -37.89 -4.86
C GLN B 196 5.57 -38.72 -3.57
N THR B 197 4.98 -38.11 -2.55
CA THR B 197 4.83 -38.74 -1.25
C THR B 197 3.35 -38.72 -0.86
N LYS B 198 2.98 -39.52 0.14
CA LYS B 198 1.57 -39.57 0.57
C LYS B 198 1.14 -38.26 1.24
N LEU B 199 1.97 -37.79 2.17
CA LEU B 199 1.70 -36.58 2.92
C LEU B 199 2.71 -35.48 2.62
N PRO C 2 -13.61 2.24 -3.64
CA PRO C 2 -13.64 2.41 -5.09
C PRO C 2 -12.70 1.42 -5.77
N ASN C 3 -13.06 1.04 -7.01
CA ASN C 3 -12.25 0.11 -7.78
C ASN C 3 -11.38 0.86 -8.79
N TYR C 4 -10.07 0.77 -8.62
CA TYR C 4 -9.12 1.47 -9.48
C TYR C 4 -8.28 0.53 -10.33
N LYS C 5 -8.03 0.93 -11.57
CA LYS C 5 -7.14 0.20 -12.47
C LYS C 5 -6.18 1.20 -13.13
N LEU C 6 -4.91 1.07 -12.83
CA LEU C 6 -3.88 1.96 -13.37
C LEU C 6 -3.20 1.27 -14.55
N THR C 7 -3.27 1.92 -15.71
CA THR C 7 -2.65 1.39 -16.90
C THR C 7 -1.47 2.27 -17.31
N TYR C 8 -0.31 1.65 -17.50
CA TYR C 8 0.91 2.33 -17.91
C TYR C 8 1.89 1.27 -18.39
N PHE C 9 3.12 1.67 -18.70
CA PHE C 9 4.16 0.73 -19.07
C PHE C 9 4.77 0.15 -17.79
N ASN C 10 5.71 -0.78 -17.97
CA ASN C 10 6.42 -1.36 -16.84
C ASN C 10 7.61 -0.46 -16.52
N MET C 11 7.29 0.70 -15.96
CA MET C 11 8.23 1.74 -15.58
C MET C 11 7.60 2.56 -14.47
N ARG C 12 8.45 3.24 -13.71
CA ARG C 12 7.99 4.18 -12.70
C ARG C 12 7.39 5.30 -13.55
N GLY C 13 8.26 6.00 -14.29
CA GLY C 13 7.86 7.08 -15.21
C GLY C 13 6.84 8.05 -14.65
N ARG C 14 5.80 8.30 -15.43
CA ARG C 14 4.76 9.26 -15.06
C ARG C 14 3.61 8.66 -14.24
N ALA C 15 3.63 7.35 -14.03
CA ALA C 15 2.58 6.73 -13.21
C ALA C 15 3.03 6.57 -11.76
N GLU C 16 4.33 6.70 -11.52
CA GLU C 16 4.88 6.46 -10.18
C GLU C 16 4.28 7.34 -9.09
N ILE C 17 4.04 8.62 -9.41
CA ILE C 17 3.41 9.51 -8.43
C ILE C 17 2.08 8.94 -7.94
N ILE C 18 1.30 8.40 -8.87
CA ILE C 18 0.01 7.77 -8.55
C ILE C 18 0.22 6.50 -7.70
N ARG C 19 1.23 5.72 -8.02
CA ARG C 19 1.52 4.50 -7.25
C ARG C 19 1.93 4.83 -5.81
N TYR C 20 2.76 5.85 -5.64
CA TYR C 20 3.15 6.35 -4.30
C TYR C 20 1.94 6.79 -3.49
N ILE C 21 1.04 7.53 -4.14
CA ILE C 21 -0.19 8.02 -3.48
C ILE C 21 -1.07 6.86 -3.00
N PHE C 22 -1.32 5.88 -3.88
CA PHE C 22 -2.09 4.69 -3.50
C PHE C 22 -1.43 3.91 -2.37
N ALA C 23 -0.11 3.84 -2.38
CA ALA C 23 0.67 3.15 -1.36
C ALA C 23 0.52 3.87 -0.01
N TYR C 24 0.71 5.19 -0.03
CA TYR C 24 0.58 6.00 1.19
C TYR C 24 -0.84 5.93 1.79
N LEU C 25 -1.84 6.00 0.93
CA LEU C 25 -3.22 5.98 1.38
C LEU C 25 -3.79 4.57 1.58
N ASP C 26 -2.96 3.55 1.35
CA ASP C 26 -3.36 2.15 1.55
C ASP C 26 -4.64 1.83 0.75
N ILE C 27 -4.61 2.13 -0.54
CA ILE C 27 -5.76 1.95 -1.41
C ILE C 27 -5.53 0.83 -2.43
N GLN C 28 -6.56 0.01 -2.63
CA GLN C 28 -6.57 -1.07 -3.60
C GLN C 28 -6.66 -0.56 -5.04
N TYR C 29 -5.80 -1.10 -5.90
CA TYR C 29 -5.83 -0.77 -7.33
C TYR C 29 -5.11 -1.84 -8.14
N GLU C 30 -5.51 -2.03 -9.39
CA GLU C 30 -4.82 -2.96 -10.26
C GLU C 30 -3.70 -2.21 -10.96
N ASP C 31 -2.47 -2.65 -10.71
CA ASP C 31 -1.30 -2.04 -11.30
C ASP C 31 -1.03 -2.74 -12.63
N HIS C 32 -1.80 -2.36 -13.65
CA HIS C 32 -1.67 -2.96 -14.96
C HIS C 32 -0.55 -2.37 -15.79
N ARG C 33 0.44 -3.21 -16.08
CA ARG C 33 1.61 -2.82 -16.84
C ARG C 33 1.61 -3.49 -18.22
N ILE C 34 1.90 -2.70 -19.25
CA ILE C 34 1.91 -3.19 -20.64
C ILE C 34 3.29 -3.11 -21.28
N GLU C 35 3.46 -3.82 -22.40
CA GLU C 35 4.70 -3.85 -23.16
C GLU C 35 4.63 -2.96 -24.41
N GLN C 36 5.80 -2.55 -24.90
CA GLN C 36 5.95 -1.70 -26.08
C GLN C 36 5.41 -2.31 -27.39
N ALA C 37 4.52 -3.30 -27.27
CA ALA C 37 3.95 -3.96 -28.45
C ALA C 37 2.42 -4.04 -28.41
N ASP C 38 1.85 -4.13 -27.21
CA ASP C 38 0.40 -4.21 -27.04
C ASP C 38 -0.21 -2.80 -26.98
N TRP C 39 0.67 -1.80 -26.93
CA TRP C 39 0.30 -0.39 -26.86
C TRP C 39 -0.54 0.14 -28.03
N PRO C 40 -0.08 -0.05 -29.30
CA PRO C 40 -0.84 0.43 -30.45
C PRO C 40 -2.35 0.14 -30.42
N GLU C 41 -2.72 -1.09 -30.04
CA GLU C 41 -4.13 -1.50 -29.95
C GLU C 41 -4.90 -0.78 -28.83
N ILE C 42 -4.22 -0.54 -27.71
CA ILE C 42 -4.82 0.16 -26.57
C ILE C 42 -4.89 1.66 -26.89
N LYS C 43 -3.78 2.21 -27.40
CA LYS C 43 -3.66 3.62 -27.75
C LYS C 43 -4.85 4.14 -28.56
N SER C 44 -5.21 3.42 -29.62
CA SER C 44 -6.32 3.81 -30.50
C SER C 44 -7.70 3.83 -29.81
N THR C 45 -7.81 3.16 -28.67
CA THR C 45 -9.06 3.09 -27.91
C THR C 45 -9.13 4.16 -26.83
N LEU C 46 -8.02 4.85 -26.60
CA LEU C 46 -7.93 5.86 -25.55
C LEU C 46 -8.22 7.30 -26.01
N PRO C 47 -9.13 7.99 -25.30
CA PRO C 47 -9.37 9.39 -25.62
C PRO C 47 -8.10 10.16 -25.26
N PHE C 48 -7.50 10.76 -26.29
CA PHE C 48 -6.25 11.53 -26.21
C PHE C 48 -5.00 10.68 -26.42
N GLY C 49 -5.19 9.37 -26.50
CA GLY C 49 -4.13 8.39 -26.76
C GLY C 49 -2.84 8.50 -25.95
N LYS C 50 -3.01 8.74 -24.65
CA LYS C 50 -1.85 8.86 -23.76
C LYS C 50 -2.02 8.01 -22.50
N ILE C 51 -0.90 7.54 -21.97
CA ILE C 51 -0.89 6.86 -20.66
C ILE C 51 0.09 7.60 -19.75
N PRO C 52 -0.07 7.49 -18.41
CA PRO C 52 -1.02 6.66 -17.67
C PRO C 52 -2.49 7.06 -17.74
N ILE C 53 -3.35 6.07 -17.54
CA ILE C 53 -4.77 6.29 -17.41
C ILE C 53 -5.18 5.59 -16.12
N LEU C 54 -6.25 6.08 -15.50
CA LEU C 54 -6.78 5.47 -14.30
C LEU C 54 -8.27 5.19 -14.51
N GLU C 55 -8.63 3.92 -14.53
CA GLU C 55 -10.02 3.54 -14.71
C GLU C 55 -10.68 3.44 -13.35
N VAL C 56 -11.76 4.19 -13.17
CA VAL C 56 -12.49 4.23 -11.92
C VAL C 56 -13.96 4.06 -12.28
N ASP C 57 -14.56 2.97 -11.80
CA ASP C 57 -15.98 2.68 -12.06
C ASP C 57 -16.37 2.92 -13.53
N GLY C 58 -15.56 2.39 -14.46
CA GLY C 58 -15.85 2.56 -15.89
C GLY C 58 -15.42 3.89 -16.52
N LEU C 59 -15.09 4.87 -15.67
CA LEU C 59 -14.59 6.16 -16.16
C LEU C 59 -13.11 6.02 -16.43
N THR C 60 -12.65 6.66 -17.50
CA THR C 60 -11.23 6.63 -17.81
C THR C 60 -10.65 8.02 -17.52
N LEU C 61 -9.83 8.10 -16.47
CA LEU C 61 -9.17 9.34 -16.11
C LEU C 61 -7.81 9.35 -16.77
N HIS C 62 -7.29 10.54 -17.07
CA HIS C 62 -5.98 10.66 -17.71
C HIS C 62 -5.22 11.86 -17.16
N GLN C 63 -3.96 11.99 -17.58
CA GLN C 63 -3.04 13.04 -17.12
C GLN C 63 -2.61 12.77 -15.68
N SER C 64 -1.38 12.30 -15.53
CA SER C 64 -0.88 11.86 -14.23
C SER C 64 -1.03 12.85 -13.07
N LEU C 65 -0.72 14.13 -13.32
CA LEU C 65 -0.78 15.13 -12.25
C LEU C 65 -2.20 15.54 -11.89
N ALA C 66 -3.09 15.51 -12.88
CA ALA C 66 -4.50 15.78 -12.65
C ALA C 66 -5.05 14.67 -11.76
N ILE C 67 -4.70 13.42 -12.11
CA ILE C 67 -5.13 12.24 -11.32
C ILE C 67 -4.60 12.32 -9.89
N ALA C 68 -3.30 12.62 -9.77
CA ALA C 68 -2.62 12.74 -8.49
C ALA C 68 -3.27 13.78 -7.60
N ARG C 69 -3.63 14.92 -8.20
CA ARG C 69 -4.30 15.99 -7.45
C ARG C 69 -5.67 15.53 -6.95
N TYR C 70 -6.40 14.82 -7.80
CA TYR C 70 -7.72 14.29 -7.47
C TYR C 70 -7.65 13.30 -6.30
N LEU C 71 -6.68 12.38 -6.35
CA LEU C 71 -6.52 11.36 -5.31
C LEU C 71 -6.04 11.92 -3.97
N THR C 72 -5.45 13.11 -3.98
CA THR C 72 -4.93 13.69 -2.75
C THR C 72 -5.85 14.72 -2.09
N LYS C 73 -6.89 15.16 -2.80
CA LYS C 73 -7.83 16.11 -2.21
C LYS C 73 -8.47 15.50 -0.97
N ASN C 74 -8.52 16.29 0.11
CA ASN C 74 -9.11 15.87 1.38
C ASN C 74 -8.35 14.72 2.04
N THR C 75 -7.04 14.68 1.80
CA THR C 75 -6.14 13.72 2.42
C THR C 75 -5.02 14.54 3.04
N ASP C 76 -4.20 13.90 3.87
CA ASP C 76 -3.07 14.60 4.47
C ASP C 76 -1.96 14.95 3.46
N LEU C 77 -2.03 14.38 2.26
CA LEU C 77 -1.03 14.65 1.19
C LEU C 77 -1.24 15.99 0.46
N ALA C 78 -2.43 16.55 0.55
CA ALA C 78 -2.71 17.82 -0.08
C ALA C 78 -2.20 18.92 0.84
N GLY C 79 -2.05 20.13 0.31
CA GLY C 79 -1.64 21.27 1.14
C GLY C 79 -2.68 21.41 2.23
N ASN C 80 -2.25 21.88 3.40
CA ASN C 80 -3.15 22.04 4.54
C ASN C 80 -4.18 23.17 4.40
N THR C 81 -3.86 24.15 3.55
CA THR C 81 -4.76 25.28 3.29
C THR C 81 -4.80 25.51 1.78
N GLU C 82 -5.75 26.34 1.33
CA GLU C 82 -5.88 26.67 -0.08
C GLU C 82 -4.59 27.25 -0.66
N MET C 83 -3.89 28.08 0.13
CA MET C 83 -2.63 28.67 -0.29
C MET C 83 -1.50 27.64 -0.33
N GLU C 84 -1.44 26.74 0.65
CA GLU C 84 -0.41 25.69 0.61
C GLU C 84 -0.59 24.82 -0.62
N GLN C 85 -1.84 24.54 -0.97
CA GLN C 85 -2.15 23.75 -2.17
C GLN C 85 -1.61 24.41 -3.43
N CYS C 86 -1.64 25.75 -3.45
CA CYS C 86 -1.08 26.50 -4.57
C CYS C 86 0.44 26.28 -4.60
N HIS C 87 1.09 26.34 -3.44
CA HIS C 87 2.53 26.12 -3.35
C HIS C 87 2.92 24.71 -3.78
N VAL C 88 2.13 23.72 -3.34
CA VAL C 88 2.34 22.32 -3.72
C VAL C 88 2.28 22.22 -5.25
N ASP C 89 1.23 22.78 -5.84
CA ASP C 89 1.07 22.74 -7.31
C ASP C 89 2.26 23.39 -8.02
N ALA C 90 2.70 24.54 -7.51
CA ALA C 90 3.79 25.30 -8.10
C ALA C 90 5.11 24.53 -8.08
N ILE C 91 5.38 23.85 -6.97
CA ILE C 91 6.60 23.03 -6.88
C ILE C 91 6.52 21.83 -7.81
N VAL C 92 5.36 21.18 -7.85
CA VAL C 92 5.15 20.03 -8.74
C VAL C 92 5.35 20.48 -10.19
N ASP C 93 4.72 21.60 -10.56
CA ASP C 93 4.83 22.13 -11.93
C ASP C 93 6.27 22.51 -12.29
N THR C 94 7.01 23.02 -11.31
CA THR C 94 8.42 23.39 -11.51
C THR C 94 9.27 22.16 -11.81
N LEU C 95 9.06 21.10 -11.03
CA LEU C 95 9.71 19.82 -11.24
C LEU C 95 9.30 19.25 -12.59
N ASP C 96 8.00 19.23 -12.84
CA ASP C 96 7.46 18.66 -14.09
C ASP C 96 7.91 19.41 -15.33
N ASP C 97 8.03 20.74 -15.22
CA ASP C 97 8.52 21.55 -16.35
C ASP C 97 9.87 21.03 -16.79
N PHE C 98 10.77 20.87 -15.83
CA PHE C 98 12.13 20.42 -16.10
C PHE C 98 12.22 18.99 -16.68
N MET C 99 11.42 18.07 -16.12
CA MET C 99 11.42 16.68 -16.57
C MET C 99 10.85 16.60 -17.98
N SER C 100 9.91 17.47 -18.29
CA SER C 100 9.28 17.54 -19.61
C SER C 100 10.18 18.11 -20.71
N CYS C 101 11.26 18.79 -20.32
CA CYS C 101 12.22 19.33 -21.27
C CYS C 101 13.05 18.24 -21.96
N PHE C 102 13.12 17.07 -21.31
CA PHE C 102 13.85 15.92 -21.84
C PHE C 102 13.11 15.26 -23.00
N PRO C 103 13.80 15.08 -24.14
CA PRO C 103 13.16 14.47 -25.31
C PRO C 103 13.09 12.94 -25.18
N TRP C 104 12.36 12.47 -24.16
CA TRP C 104 12.23 11.03 -23.85
C TRP C 104 11.91 10.16 -25.06
N ALA C 105 11.10 10.67 -25.99
CA ALA C 105 10.71 9.92 -27.18
C ALA C 105 11.80 9.97 -28.24
N MET C 115 20.65 16.38 -26.19
CA MET C 115 19.95 17.35 -25.36
C MET C 115 19.92 16.92 -23.89
N PHE C 116 19.98 15.61 -23.65
CA PHE C 116 20.04 15.06 -22.30
C PHE C 116 21.25 15.57 -21.55
N ASN C 117 22.40 15.57 -22.22
CA ASN C 117 23.65 16.00 -21.63
C ASN C 117 23.67 17.51 -21.40
N GLU C 118 23.06 18.26 -22.31
CA GLU C 118 22.96 19.72 -22.18
C GLU C 118 22.10 20.09 -20.95
N LEU C 119 20.93 19.46 -20.84
CA LEU C 119 20.00 19.69 -19.73
C LEU C 119 20.59 19.27 -18.38
N LEU C 120 21.22 18.11 -18.34
CA LEU C 120 21.81 17.57 -17.11
C LEU C 120 23.05 18.32 -16.64
N THR C 121 23.81 18.85 -17.58
CA THR C 121 25.08 19.52 -17.26
C THR C 121 24.93 21.01 -16.95
N TYR C 122 24.14 21.71 -17.74
CA TYR C 122 24.01 23.15 -17.62
C TYR C 122 22.70 23.69 -17.00
N ASN C 123 21.65 22.86 -16.97
CA ASN C 123 20.35 23.28 -16.44
C ASN C 123 19.98 22.65 -15.10
N ALA C 124 20.24 21.35 -14.97
CA ALA C 124 19.96 20.60 -13.74
C ALA C 124 20.58 21.21 -12.48
N PRO C 125 21.88 21.60 -12.52
CA PRO C 125 22.50 22.22 -11.33
C PRO C 125 21.81 23.49 -10.84
N HIS C 126 21.31 24.31 -11.77
CA HIS C 126 20.61 25.54 -11.41
C HIS C 126 19.28 25.29 -10.71
N LEU C 127 18.57 24.25 -11.17
CA LEU C 127 17.31 23.87 -10.54
C LEU C 127 17.56 23.35 -9.13
N MET C 128 18.61 22.54 -8.98
CA MET C 128 18.98 21.98 -7.67
C MET C 128 19.28 23.08 -6.65
N GLN C 129 19.96 24.14 -7.10
CA GLN C 129 20.22 25.31 -6.23
C GLN C 129 18.97 26.07 -5.87
N ASP C 130 18.11 26.33 -6.85
CA ASP C 130 16.84 27.01 -6.61
C ASP C 130 15.99 26.21 -5.62
N LEU C 131 15.97 24.89 -5.80
CA LEU C 131 15.26 23.96 -4.91
C LEU C 131 15.84 23.96 -3.50
N ASP C 132 17.17 23.89 -3.38
CA ASP C 132 17.82 23.89 -2.07
C ASP C 132 17.56 25.21 -1.32
N THR C 133 17.58 26.32 -2.05
CA THR C 133 17.27 27.62 -1.48
C THR C 133 15.81 27.65 -1.04
N TYR C 134 14.91 27.16 -1.89
CA TYR C 134 13.47 27.13 -1.59
C TYR C 134 13.15 26.36 -0.32
N LEU C 135 13.74 25.18 -0.18
CA LEU C 135 13.56 24.33 0.99
C LEU C 135 14.19 24.99 2.21
N GLY C 136 15.42 25.47 2.05
CA GLY C 136 16.15 26.10 3.13
C GLY C 136 16.29 25.12 4.28
N GLY C 137 15.90 25.55 5.48
CA GLY C 137 16.01 24.71 6.67
C GLY C 137 14.81 23.85 6.98
N ARG C 138 13.75 23.93 6.17
CA ARG C 138 12.51 23.16 6.42
C ARG C 138 12.67 21.66 6.31
N GLU C 139 11.69 20.96 6.88
CA GLU C 139 11.64 19.51 6.90
C GLU C 139 11.07 18.99 5.58
N TRP C 140 10.00 19.65 5.14
CA TRP C 140 9.30 19.30 3.90
C TRP C 140 9.24 20.53 3.00
N LEU C 141 8.98 20.31 1.71
CA LEU C 141 8.91 21.42 0.76
C LEU C 141 7.81 22.45 1.10
N ILE C 142 6.62 21.96 1.42
CA ILE C 142 5.48 22.82 1.73
C ILE C 142 4.85 22.50 3.10
N GLY C 143 4.69 23.55 3.92
CA GLY C 143 4.02 23.46 5.22
C GLY C 143 4.79 22.71 6.29
N ASN C 144 4.05 22.18 7.27
CA ASN C 144 4.67 21.46 8.40
C ASN C 144 4.73 19.94 8.26
N SER C 145 4.16 19.42 7.17
CA SER C 145 4.13 17.98 6.94
C SER C 145 4.30 17.61 5.47
N VAL C 146 4.45 16.31 5.22
CA VAL C 146 4.68 15.77 3.87
C VAL C 146 3.47 15.99 2.96
N THR C 147 3.77 16.35 1.70
CA THR C 147 2.73 16.47 0.68
C THR C 147 3.19 15.67 -0.53
N TRP C 148 2.32 15.56 -1.53
CA TRP C 148 2.69 14.82 -2.73
C TRP C 148 3.79 15.51 -3.55
N ALA C 149 4.15 16.75 -3.17
CA ALA C 149 5.25 17.47 -3.82
C ALA C 149 6.59 16.91 -3.36
N ASP C 150 6.67 16.53 -2.08
CA ASP C 150 7.84 15.84 -1.56
C ASP C 150 7.96 14.50 -2.29
N PHE C 151 6.83 13.82 -2.48
CA PHE C 151 6.79 12.55 -3.22
C PHE C 151 7.32 12.79 -4.63
N TYR C 152 6.87 13.86 -5.26
CA TYR C 152 7.26 14.12 -6.65
C TYR C 152 8.74 14.48 -6.73
N TRP C 153 9.24 15.16 -5.71
CA TRP C 153 10.64 15.46 -5.64
C TRP C 153 11.48 14.17 -5.63
N GLU C 154 11.10 13.23 -4.78
CA GLU C 154 11.82 11.98 -4.65
C GLU C 154 11.76 11.17 -5.95
N ILE C 155 10.58 11.13 -6.57
CA ILE C 155 10.39 10.42 -7.84
C ILE C 155 11.23 11.04 -8.98
N CYS C 156 11.14 12.36 -9.15
CA CYS C 156 11.90 13.04 -10.20
C CYS C 156 13.41 12.92 -10.02
N SER C 157 13.88 13.13 -8.78
CA SER C 157 15.31 13.02 -8.48
C SER C 157 15.87 11.61 -8.65
N THR C 158 15.04 10.59 -8.42
CA THR C 158 15.43 9.20 -8.62
C THR C 158 15.83 8.99 -10.08
N THR C 159 14.97 9.43 -10.98
CA THR C 159 15.23 9.30 -12.42
C THR C 159 16.41 10.15 -12.89
N LEU C 160 16.50 11.39 -12.39
CA LEU C 160 17.62 12.27 -12.73
C LEU C 160 18.98 11.75 -12.21
N LEU C 161 18.96 11.07 -11.06
CA LEU C 161 20.21 10.54 -10.47
C LEU C 161 20.81 9.38 -11.26
N VAL C 162 19.98 8.71 -12.07
CA VAL C 162 20.44 7.61 -12.91
C VAL C 162 21.47 8.15 -13.92
N PHE C 163 21.07 9.21 -14.61
CA PHE C 163 21.90 9.83 -15.64
C PHE C 163 22.95 10.77 -15.06
N LYS C 164 22.70 11.27 -13.85
CA LYS C 164 23.65 12.15 -13.19
C LYS C 164 23.71 11.84 -11.70
N PRO C 165 24.54 10.83 -11.31
CA PRO C 165 24.72 10.37 -9.94
C PRO C 165 25.24 11.44 -9.00
N ASP C 166 26.00 12.38 -9.54
CA ASP C 166 26.60 13.46 -8.74
C ASP C 166 25.73 14.71 -8.64
N LEU C 167 24.47 14.60 -9.08
CA LEU C 167 23.52 15.71 -9.06
C LEU C 167 23.35 16.40 -7.71
N LEU C 168 23.23 15.62 -6.64
CA LEU C 168 22.99 16.17 -5.30
C LEU C 168 24.21 16.17 -4.36
N ASP C 169 25.40 16.40 -4.92
CA ASP C 169 26.64 16.40 -4.13
C ASP C 169 26.81 17.66 -3.28
N ASN C 170 26.41 18.79 -3.83
CA ASN C 170 26.54 20.06 -3.12
C ASN C 170 25.24 20.46 -2.42
N HIS C 171 24.29 19.53 -2.37
CA HIS C 171 22.99 19.77 -1.74
C HIS C 171 22.57 18.64 -0.80
N PRO C 172 23.27 18.47 0.35
CA PRO C 172 22.91 17.40 1.28
C PRO C 172 21.47 17.52 1.83
N ARG C 173 20.94 18.74 1.85
CA ARG C 173 19.58 19.00 2.34
C ARG C 173 18.50 18.38 1.45
N LEU C 174 18.77 18.33 0.14
CA LEU C 174 17.87 17.69 -0.82
C LEU C 174 17.99 16.16 -0.72
N VAL C 175 19.18 15.68 -0.36
CA VAL C 175 19.39 14.24 -0.17
C VAL C 175 18.58 13.76 1.05
N THR C 176 18.61 14.58 2.10
CA THR C 176 17.88 14.28 3.34
C THR C 176 16.38 14.20 3.08
N LEU C 177 15.85 15.13 2.28
CA LEU C 177 14.43 15.13 1.92
C LEU C 177 14.05 13.84 1.21
N ARG C 178 14.88 13.41 0.25
CA ARG C 178 14.69 12.15 -0.48
C ARG C 178 14.64 10.98 0.49
N LYS C 179 15.66 10.90 1.36
CA LYS C 179 15.78 9.85 2.36
C LYS C 179 14.54 9.85 3.26
N LYS C 180 14.12 11.04 3.70
CA LYS C 180 12.91 11.17 4.55
C LYS C 180 11.66 10.62 3.87
N VAL C 181 11.50 10.93 2.58
CA VAL C 181 10.36 10.40 1.81
C VAL C 181 10.48 8.88 1.73
N GLN C 182 11.69 8.40 1.43
CA GLN C 182 11.93 6.96 1.31
C GLN C 182 11.76 6.21 2.64
N ALA C 183 11.83 6.94 3.76
CA ALA C 183 11.68 6.35 5.10
C ALA C 183 10.23 6.15 5.53
N ILE C 184 9.30 6.94 4.97
CA ILE C 184 7.87 6.78 5.28
C ILE C 184 7.50 5.30 5.05
N PRO C 185 7.03 4.60 6.12
CA PRO C 185 6.72 3.17 6.05
C PRO C 185 6.00 2.67 4.79
N ALA C 186 4.87 3.29 4.44
CA ALA C 186 4.11 2.89 3.25
C ALA C 186 4.90 3.04 1.96
N VAL C 187 5.76 4.06 1.90
CA VAL C 187 6.58 4.31 0.71
C VAL C 187 7.76 3.34 0.68
N ALA C 188 8.40 3.12 1.83
CA ALA C 188 9.52 2.20 1.95
C ALA C 188 9.10 0.81 1.47
N ASN C 189 7.90 0.37 1.87
CA ASN C 189 7.35 -0.93 1.49
C ASN C 189 7.07 -1.02 0.00
N TRP C 190 6.51 0.04 -0.57
CA TRP C 190 6.24 0.08 -2.00
C TRP C 190 7.52 0.00 -2.80
N ILE C 191 8.56 0.68 -2.32
CA ILE C 191 9.88 0.68 -2.95
C ILE C 191 10.48 -0.73 -2.96
N LYS C 192 10.16 -1.52 -1.95
CA LYS C 192 10.64 -2.91 -1.89
C LYS C 192 9.79 -3.81 -2.79
N ARG C 193 8.49 -3.53 -2.84
CA ARG C 193 7.57 -4.36 -3.62
C ARG C 193 7.53 -4.09 -5.12
N ARG C 194 7.65 -2.82 -5.53
CA ARG C 194 7.54 -2.48 -6.96
C ARG C 194 8.55 -3.21 -7.86
N PRO C 195 8.17 -3.52 -9.10
CA PRO C 195 9.13 -4.10 -10.05
C PRO C 195 10.34 -3.18 -10.16
N GLN C 196 11.55 -3.74 -10.14
CA GLN C 196 12.78 -2.95 -10.23
C GLN C 196 13.11 -2.62 -11.70
N THR C 197 12.72 -1.42 -12.14
CA THR C 197 12.96 -0.99 -13.52
C THR C 197 13.98 0.15 -13.57
N LYS C 198 14.56 0.40 -14.75
CA LYS C 198 15.55 1.48 -14.89
C LYS C 198 14.92 2.86 -14.76
N LEU C 199 13.78 3.04 -15.43
CA LEU C 199 13.05 4.30 -15.43
C LEU C 199 11.66 4.11 -14.81
N PRO D 2 -7.76 40.99 -2.17
CA PRO D 2 -6.32 41.24 -2.00
C PRO D 2 -5.79 42.20 -3.06
N ASN D 3 -4.56 42.65 -2.89
CA ASN D 3 -3.92 43.52 -3.87
C ASN D 3 -3.08 42.64 -4.79
N TYR D 4 -3.47 42.60 -6.06
CA TYR D 4 -2.82 41.74 -7.05
C TYR D 4 -1.95 42.50 -8.05
N LYS D 5 -0.73 42.00 -8.24
CA LYS D 5 0.19 42.53 -9.24
C LYS D 5 0.75 41.35 -10.02
N LEU D 6 0.38 41.30 -11.31
CA LEU D 6 0.82 40.25 -12.21
C LEU D 6 2.00 40.77 -13.03
N THR D 7 3.09 40.01 -13.10
CA THR D 7 4.25 40.40 -13.89
C THR D 7 4.53 39.40 -15.02
N TYR D 8 4.70 39.90 -16.24
CA TYR D 8 5.00 39.05 -17.40
C TYR D 8 5.51 39.95 -18.52
N PHE D 9 5.87 39.37 -19.66
CA PHE D 9 6.23 40.17 -20.85
C PHE D 9 4.96 40.79 -21.44
N ASN D 10 5.14 41.65 -22.46
CA ASN D 10 4.02 42.22 -23.18
C ASN D 10 3.60 41.20 -24.24
N MET D 11 2.90 40.19 -23.76
CA MET D 11 2.35 39.12 -24.58
C MET D 11 1.29 38.38 -23.79
N ARG D 12 0.46 37.60 -24.47
CA ARG D 12 -0.56 36.81 -23.79
C ARG D 12 0.21 35.70 -23.07
N GLY D 13 0.81 34.81 -23.84
CA GLY D 13 1.61 33.71 -23.35
C GLY D 13 1.03 33.00 -22.13
N ARG D 14 1.90 32.71 -21.19
CA ARG D 14 1.50 31.95 -20.01
C ARG D 14 0.76 32.76 -18.94
N ALA D 15 0.72 34.08 -19.07
CA ALA D 15 0.00 34.91 -18.10
C ALA D 15 -1.47 35.12 -18.47
N GLU D 16 -1.81 34.87 -19.73
CA GLU D 16 -3.16 35.15 -20.22
C GLU D 16 -4.28 34.41 -19.46
N ILE D 17 -4.06 33.16 -19.09
CA ILE D 17 -5.10 32.42 -18.35
C ILE D 17 -5.45 33.19 -17.07
N ILE D 18 -4.45 33.74 -16.39
CA ILE D 18 -4.72 34.54 -15.15
C ILE D 18 -5.49 35.82 -15.49
N ARG D 19 -5.13 36.45 -16.61
CA ARG D 19 -5.79 37.69 -17.05
C ARG D 19 -7.27 37.44 -17.36
N TYR D 20 -7.57 36.30 -17.97
CA TYR D 20 -8.98 35.93 -18.26
C TYR D 20 -9.73 35.69 -16.96
N ILE D 21 -9.13 34.97 -16.03
CA ILE D 21 -9.76 34.65 -14.72
C ILE D 21 -10.09 35.95 -13.97
N PHE D 22 -9.12 36.87 -13.91
CA PHE D 22 -9.35 38.15 -13.23
C PHE D 22 -10.50 38.92 -13.88
N ALA D 23 -10.49 38.99 -15.23
CA ALA D 23 -11.52 39.68 -15.98
C ALA D 23 -12.89 39.09 -15.70
N TYR D 24 -12.98 37.76 -15.76
CA TYR D 24 -14.25 37.06 -15.54
C TYR D 24 -14.80 37.25 -14.12
N LEU D 25 -13.90 37.24 -13.15
CA LEU D 25 -14.27 37.38 -11.75
C LEU D 25 -14.33 38.83 -11.31
N ASP D 26 -14.12 39.74 -12.26
CA ASP D 26 -14.14 41.18 -12.05
C ASP D 26 -13.21 41.56 -10.90
N ILE D 27 -11.95 41.19 -11.05
CA ILE D 27 -10.92 41.49 -10.06
C ILE D 27 -9.95 42.49 -10.66
N GLN D 28 -9.77 43.62 -9.98
CA GLN D 28 -8.81 44.63 -10.43
C GLN D 28 -7.43 44.17 -10.01
N TYR D 29 -6.45 44.34 -10.88
CA TYR D 29 -5.09 43.88 -10.61
C TYR D 29 -4.14 44.78 -11.40
N GLU D 30 -2.87 44.80 -11.02
CA GLU D 30 -1.89 45.56 -11.78
C GLU D 30 -1.34 44.62 -12.85
N ASP D 31 -1.59 44.94 -14.12
CA ASP D 31 -1.10 44.13 -15.24
C ASP D 31 0.28 44.65 -15.64
N HIS D 32 1.31 44.22 -14.92
CA HIS D 32 2.67 44.71 -15.17
C HIS D 32 3.38 43.97 -16.27
N ARG D 33 3.65 44.68 -17.36
CA ARG D 33 4.29 44.09 -18.52
C ARG D 33 5.69 44.64 -18.62
N ILE D 34 6.67 43.77 -18.51
CA ILE D 34 8.06 44.19 -18.55
C ILE D 34 8.61 44.23 -19.97
N GLU D 35 9.64 45.04 -20.17
CA GLU D 35 10.32 45.13 -21.45
C GLU D 35 11.22 43.92 -21.57
N GLN D 36 11.25 43.32 -22.76
CA GLN D 36 12.10 42.17 -23.06
C GLN D 36 13.58 42.46 -22.78
N ALA D 37 13.95 43.74 -22.94
CA ALA D 37 15.32 44.20 -22.70
C ALA D 37 15.65 44.36 -21.21
N ASP D 38 14.65 44.18 -20.35
CA ASP D 38 14.83 44.28 -18.91
C ASP D 38 14.76 42.91 -18.24
N TRP D 39 14.60 41.85 -19.05
CA TRP D 39 14.49 40.50 -18.51
C TRP D 39 15.74 39.93 -17.80
N PRO D 40 16.92 39.98 -18.44
CA PRO D 40 18.13 39.44 -17.78
C PRO D 40 18.29 39.97 -16.34
N GLU D 41 18.00 41.25 -16.13
CA GLU D 41 18.09 41.90 -14.82
C GLU D 41 17.07 41.35 -13.82
N ILE D 42 15.82 41.16 -14.28
CA ILE D 42 14.72 40.72 -13.41
C ILE D 42 14.75 39.24 -13.02
N LYS D 43 15.15 38.40 -13.97
CA LYS D 43 15.20 36.94 -13.80
C LYS D 43 15.77 36.46 -12.45
N SER D 44 16.92 37.01 -12.05
CA SER D 44 17.59 36.60 -10.82
C SER D 44 16.84 36.94 -9.55
N THR D 45 15.89 37.87 -9.64
CA THR D 45 15.09 38.26 -8.48
C THR D 45 13.89 37.33 -8.28
N LEU D 46 13.72 36.38 -9.18
CA LEU D 46 12.56 35.48 -9.15
C LEU D 46 12.88 34.10 -8.57
N PRO D 47 11.91 33.52 -7.80
CA PRO D 47 12.04 32.25 -7.09
C PRO D 47 12.83 31.18 -7.85
N PHE D 48 12.37 30.89 -9.06
CA PHE D 48 12.98 29.91 -9.93
C PHE D 48 13.26 30.55 -11.28
N GLY D 49 13.43 31.88 -11.26
CA GLY D 49 13.75 32.67 -12.45
C GLY D 49 12.78 32.58 -13.61
N LYS D 50 11.49 32.40 -13.32
CA LYS D 50 10.47 32.29 -14.37
C LYS D 50 9.31 33.25 -14.14
N ILE D 51 8.69 33.68 -15.24
CA ILE D 51 7.46 34.47 -15.19
C ILE D 51 6.40 33.67 -15.93
N PRO D 52 5.11 33.95 -15.67
CA PRO D 52 4.61 35.01 -14.80
C PRO D 52 4.73 34.73 -13.31
N ILE D 53 4.69 35.82 -12.53
CA ILE D 53 4.60 35.75 -11.08
C ILE D 53 3.36 36.56 -10.71
N LEU D 54 2.74 36.24 -9.58
CA LEU D 54 1.60 36.98 -9.10
C LEU D 54 1.84 37.32 -7.64
N GLU D 55 1.97 38.61 -7.35
CA GLU D 55 2.19 39.08 -5.98
C GLU D 55 0.81 39.34 -5.41
N VAL D 56 0.53 38.68 -4.29
CA VAL D 56 -0.74 38.78 -3.59
C VAL D 56 -0.41 39.26 -2.18
N ASP D 57 -0.62 40.56 -1.93
CA ASP D 57 -0.26 41.18 -0.65
C ASP D 57 1.23 41.00 -0.37
N GLY D 58 2.05 41.27 -1.37
CA GLY D 58 3.50 41.13 -1.25
C GLY D 58 3.99 39.72 -1.47
N LEU D 59 3.19 38.73 -1.06
CA LEU D 59 3.51 37.31 -1.22
C LEU D 59 3.63 37.00 -2.71
N THR D 60 4.73 36.38 -3.12
CA THR D 60 4.95 36.09 -4.53
C THR D 60 4.60 34.66 -4.92
N LEU D 61 3.73 34.53 -5.91
CA LEU D 61 3.33 33.22 -6.44
C LEU D 61 3.85 33.04 -7.85
N HIS D 62 4.23 31.81 -8.19
CA HIS D 62 4.73 31.50 -9.51
C HIS D 62 3.98 30.27 -10.05
N GLN D 63 4.27 29.91 -11.30
CA GLN D 63 3.60 28.80 -12.01
C GLN D 63 2.16 29.17 -12.38
N SER D 64 1.96 29.54 -13.64
CA SER D 64 0.66 30.02 -14.10
C SER D 64 -0.53 29.14 -13.80
N LEU D 65 -0.40 27.82 -14.02
CA LEU D 65 -1.54 26.92 -13.81
C LEU D 65 -1.84 26.67 -12.34
N ALA D 66 -0.80 26.72 -11.51
CA ALA D 66 -0.95 26.56 -10.06
C ALA D 66 -1.74 27.77 -9.55
N ILE D 67 -1.37 28.95 -10.06
CA ILE D 67 -2.05 30.21 -9.73
C ILE D 67 -3.49 30.17 -10.24
N ALA D 68 -3.67 29.75 -11.51
CA ALA D 68 -5.01 29.69 -12.10
C ALA D 68 -5.98 28.84 -11.27
N ARG D 69 -5.49 27.68 -10.81
CA ARG D 69 -6.28 26.76 -10.02
C ARG D 69 -6.61 27.35 -8.65
N TYR D 70 -5.64 28.06 -8.10
CA TYR D 70 -5.83 28.72 -6.82
C TYR D 70 -6.91 29.80 -6.92
N LEU D 71 -6.79 30.67 -7.92
CA LEU D 71 -7.75 31.75 -8.12
C LEU D 71 -9.17 31.29 -8.45
N THR D 72 -9.30 30.13 -9.09
CA THR D 72 -10.61 29.59 -9.49
C THR D 72 -11.33 28.73 -8.45
N LYS D 73 -10.59 28.26 -7.45
CA LYS D 73 -11.17 27.45 -6.38
C LYS D 73 -12.29 28.24 -5.74
N ASN D 74 -13.45 27.59 -5.58
CA ASN D 74 -14.64 28.19 -4.97
C ASN D 74 -15.37 29.20 -5.85
N THR D 75 -15.10 29.17 -7.16
CA THR D 75 -15.76 30.07 -8.09
C THR D 75 -16.51 29.20 -9.08
N ASP D 76 -17.37 29.79 -9.91
CA ASP D 76 -18.06 28.97 -10.89
C ASP D 76 -17.18 28.51 -12.08
N LEU D 77 -15.91 28.95 -12.10
CA LEU D 77 -14.93 28.49 -13.12
C LEU D 77 -14.29 27.16 -12.73
N ALA D 78 -14.46 26.78 -11.47
CA ALA D 78 -13.95 25.50 -11.01
C ALA D 78 -14.93 24.41 -11.43
N GLY D 79 -14.46 23.19 -11.60
CA GLY D 79 -15.37 22.06 -11.86
C GLY D 79 -16.44 22.02 -10.77
N ASN D 80 -17.62 21.52 -11.10
CA ASN D 80 -18.75 21.47 -10.17
C ASN D 80 -18.69 20.32 -9.14
N THR D 81 -17.86 19.33 -9.41
CA THR D 81 -17.63 18.19 -8.51
C THR D 81 -16.13 17.94 -8.44
N GLU D 82 -15.70 17.15 -7.46
CA GLU D 82 -14.29 16.78 -7.31
C GLU D 82 -13.79 16.13 -8.60
N MET D 83 -14.64 15.27 -9.17
CA MET D 83 -14.33 14.57 -10.41
C MET D 83 -14.26 15.52 -11.61
N GLU D 84 -15.15 16.52 -11.63
CA GLU D 84 -15.13 17.53 -12.69
C GLU D 84 -13.83 18.32 -12.63
N GLN D 85 -13.34 18.60 -11.42
CA GLN D 85 -12.08 19.32 -11.23
C GLN D 85 -10.93 18.49 -11.80
N CYS D 86 -11.01 17.17 -11.66
CA CYS D 86 -10.02 16.27 -12.24
C CYS D 86 -10.08 16.39 -13.77
N HIS D 87 -11.30 16.38 -14.31
CA HIS D 87 -11.50 16.54 -15.74
C HIS D 87 -11.01 17.90 -16.22
N VAL D 88 -11.26 18.94 -15.43
CA VAL D 88 -10.76 20.29 -15.78
C VAL D 88 -9.24 20.24 -15.87
N ASP D 89 -8.60 19.78 -14.80
CA ASP D 89 -7.14 19.67 -14.75
C ASP D 89 -6.54 18.84 -15.87
N ALA D 90 -7.20 17.74 -16.24
CA ALA D 90 -6.71 16.86 -17.31
C ALA D 90 -6.72 17.54 -18.69
N ILE D 91 -7.83 18.19 -19.02
CA ILE D 91 -7.95 18.92 -20.30
C ILE D 91 -6.92 20.06 -20.35
N VAL D 92 -6.80 20.81 -19.26
CA VAL D 92 -5.79 21.88 -19.17
C VAL D 92 -4.37 21.31 -19.42
N ASP D 93 -4.04 20.20 -18.76
CA ASP D 93 -2.71 19.58 -18.94
C ASP D 93 -2.48 19.07 -20.35
N THR D 94 -3.54 18.53 -20.96
CA THR D 94 -3.45 18.05 -22.34
C THR D 94 -3.12 19.22 -23.29
N LEU D 95 -3.79 20.34 -23.07
CA LEU D 95 -3.55 21.52 -23.88
C LEU D 95 -2.16 22.11 -23.60
N ASP D 96 -1.78 22.14 -22.31
CA ASP D 96 -0.50 22.70 -21.88
C ASP D 96 0.73 21.91 -22.33
N ASP D 97 0.73 20.58 -22.12
CA ASP D 97 1.85 19.71 -22.52
C ASP D 97 2.17 19.97 -23.96
N PHE D 98 1.12 20.05 -24.77
CA PHE D 98 1.25 20.32 -26.18
C PHE D 98 2.02 21.64 -26.36
N MET D 99 1.44 22.70 -25.80
CA MET D 99 2.00 24.07 -25.82
C MET D 99 3.40 24.20 -25.18
N SER D 100 3.74 23.28 -24.28
CA SER D 100 5.04 23.29 -23.60
C SER D 100 6.12 22.63 -24.45
N GLU D 118 7.11 22.14 -36.86
CA GLU D 118 7.07 20.69 -37.05
C GLU D 118 6.20 19.97 -36.01
N LEU D 119 5.87 20.68 -34.93
CA LEU D 119 5.01 20.15 -33.87
C LEU D 119 3.56 20.37 -34.31
N LEU D 120 3.40 21.32 -35.23
CA LEU D 120 2.10 21.68 -35.79
C LEU D 120 1.67 20.71 -36.90
N THR D 121 2.57 19.81 -37.30
CA THR D 121 2.27 18.87 -38.37
C THR D 121 1.78 17.53 -37.85
N TYR D 122 2.50 16.95 -36.90
CA TYR D 122 2.13 15.64 -36.39
C TYR D 122 1.05 15.73 -35.30
N ASN D 123 1.39 16.42 -34.22
CA ASN D 123 0.52 16.48 -33.06
C ASN D 123 -0.68 17.42 -33.15
N ALA D 124 -0.49 18.62 -33.71
CA ALA D 124 -1.59 19.61 -33.75
C ALA D 124 -2.90 19.05 -34.31
N PRO D 125 -2.89 18.54 -35.56
CA PRO D 125 -4.12 17.98 -36.13
C PRO D 125 -4.71 16.81 -35.34
N HIS D 126 -3.87 15.98 -34.73
CA HIS D 126 -4.36 14.85 -33.92
C HIS D 126 -5.07 15.35 -32.67
N LEU D 127 -4.48 16.35 -32.01
CA LEU D 127 -5.09 16.95 -30.82
C LEU D 127 -6.45 17.57 -31.16
N MET D 128 -6.54 18.22 -32.33
CA MET D 128 -7.79 18.84 -32.75
C MET D 128 -8.87 17.80 -32.95
N GLN D 129 -8.51 16.69 -33.60
CA GLN D 129 -9.45 15.61 -33.80
C GLN D 129 -9.88 15.02 -32.46
N ASP D 130 -8.91 14.77 -31.58
CA ASP D 130 -9.20 14.22 -30.25
C ASP D 130 -10.13 15.09 -29.43
N LEU D 131 -9.84 16.39 -29.38
CA LEU D 131 -10.68 17.33 -28.63
C LEU D 131 -12.08 17.45 -29.24
N ASP D 132 -12.17 17.43 -30.56
CA ASP D 132 -13.44 17.52 -31.29
C ASP D 132 -14.31 16.30 -30.94
N THR D 133 -13.68 15.12 -30.92
CA THR D 133 -14.38 13.88 -30.56
C THR D 133 -14.79 13.97 -29.10
N TYR D 134 -13.85 14.37 -28.25
CA TYR D 134 -14.08 14.49 -26.80
C TYR D 134 -15.19 15.47 -26.49
N LEU D 135 -15.23 16.58 -27.21
CA LEU D 135 -16.25 17.59 -26.99
C LEU D 135 -17.58 17.04 -27.46
N GLY D 136 -17.58 16.35 -28.59
CA GLY D 136 -18.80 15.79 -29.15
C GLY D 136 -19.93 16.79 -29.04
N GLY D 137 -21.08 16.33 -28.59
CA GLY D 137 -22.26 17.17 -28.46
C GLY D 137 -22.37 18.09 -27.26
N ARG D 138 -21.29 18.21 -26.47
CA ARG D 138 -21.29 19.07 -25.28
C ARG D 138 -21.26 20.55 -25.66
N GLU D 139 -21.74 21.38 -24.74
CA GLU D 139 -21.66 22.83 -24.85
C GLU D 139 -20.25 23.30 -24.47
N TRP D 140 -19.81 22.82 -23.31
CA TRP D 140 -18.51 23.19 -22.71
C TRP D 140 -17.67 21.93 -22.55
N LEU D 141 -16.36 22.08 -22.38
CA LEU D 141 -15.48 20.92 -22.28
C LEU D 141 -15.78 19.98 -21.11
N ILE D 142 -16.10 20.57 -19.96
CA ILE D 142 -16.39 19.82 -18.75
C ILE D 142 -17.72 20.27 -18.14
N GLY D 143 -18.57 19.29 -17.82
CA GLY D 143 -19.84 19.58 -17.15
C GLY D 143 -20.81 20.36 -18.01
N ASN D 144 -21.68 21.12 -17.35
CA ASN D 144 -22.74 21.85 -18.07
C ASN D 144 -22.61 23.36 -18.07
N SER D 145 -21.46 23.85 -17.59
CA SER D 145 -21.15 25.28 -17.55
C SER D 145 -19.66 25.51 -17.82
N VAL D 146 -19.33 26.75 -18.17
CA VAL D 146 -17.96 27.14 -18.51
C VAL D 146 -17.00 26.93 -17.33
N THR D 147 -15.79 26.50 -17.63
CA THR D 147 -14.75 26.36 -16.61
C THR D 147 -13.51 27.04 -17.17
N TRP D 148 -12.45 27.13 -16.37
CA TRP D 148 -11.22 27.75 -16.85
C TRP D 148 -10.54 26.88 -17.93
N ALA D 149 -11.01 25.63 -18.09
CA ALA D 149 -10.53 24.74 -19.17
C ALA D 149 -10.95 25.29 -20.55
N ASP D 150 -12.18 25.83 -20.62
CA ASP D 150 -12.69 26.43 -21.85
C ASP D 150 -11.89 27.69 -22.16
N PHE D 151 -11.56 28.46 -21.13
CA PHE D 151 -10.72 29.67 -21.26
C PHE D 151 -9.37 29.23 -21.80
N TYR D 152 -8.82 28.16 -21.23
CA TYR D 152 -7.50 27.69 -21.65
C TYR D 152 -7.50 27.21 -23.10
N TRP D 153 -8.57 26.55 -23.51
CA TRP D 153 -8.72 26.13 -24.89
C TRP D 153 -8.70 27.33 -25.84
N GLU D 154 -9.52 28.35 -25.55
CA GLU D 154 -9.60 29.56 -26.40
C GLU D 154 -8.23 30.24 -26.47
N ILE D 155 -7.56 30.35 -25.32
CA ILE D 155 -6.21 30.93 -25.24
C ILE D 155 -5.17 30.15 -26.04
N CYS D 156 -5.06 28.85 -25.77
N CYS D 156 -5.06 28.85 -25.78
CA CYS D 156 -4.12 28.00 -26.49
CA CYS D 156 -4.10 28.03 -26.52
C CYS D 156 -4.39 27.97 -27.99
C CYS D 156 -4.38 28.01 -28.01
N SER D 157 -5.66 27.86 -28.38
CA SER D 157 -6.01 27.81 -29.81
C SER D 157 -5.71 29.14 -30.55
N THR D 158 -5.81 30.26 -29.84
CA THR D 158 -5.52 31.60 -30.39
C THR D 158 -4.06 31.65 -30.87
N THR D 159 -3.16 31.13 -30.04
CA THR D 159 -1.74 31.08 -30.38
C THR D 159 -1.45 30.05 -31.49
N LEU D 160 -2.01 28.83 -31.36
CA LEU D 160 -1.82 27.81 -32.41
C LEU D 160 -2.28 28.35 -33.77
N LEU D 161 -3.37 29.11 -33.79
CA LEU D 161 -3.87 29.65 -35.08
C LEU D 161 -2.90 30.60 -35.74
N VAL D 162 -2.10 31.28 -34.92
CA VAL D 162 -1.12 32.21 -35.44
C VAL D 162 -0.08 31.49 -36.31
N PHE D 163 0.32 30.30 -35.86
CA PHE D 163 1.32 29.50 -36.56
C PHE D 163 0.75 28.53 -37.59
N LYS D 164 -0.51 28.13 -37.38
CA LYS D 164 -1.17 27.21 -38.27
C LYS D 164 -2.60 27.72 -38.48
N PRO D 165 -2.76 28.70 -39.40
CA PRO D 165 -4.06 29.33 -39.67
C PRO D 165 -5.18 28.37 -40.07
N ASP D 166 -4.84 27.18 -40.57
CA ASP D 166 -5.87 26.23 -40.99
C ASP D 166 -6.25 25.21 -39.94
N LEU D 167 -5.73 25.38 -38.73
CA LEU D 167 -5.95 24.47 -37.60
C LEU D 167 -7.39 23.94 -37.42
N LEU D 168 -8.37 24.84 -37.51
CA LEU D 168 -9.77 24.49 -37.27
C LEU D 168 -10.65 24.57 -38.51
N ASP D 169 -10.03 24.58 -39.69
CA ASP D 169 -10.80 24.68 -40.92
C ASP D 169 -11.80 23.53 -41.08
N ASN D 170 -11.50 22.38 -40.47
CA ASN D 170 -12.40 21.24 -40.54
C ASN D 170 -13.04 20.87 -39.20
N HIS D 171 -13.01 21.81 -38.25
CA HIS D 171 -13.53 21.53 -36.91
C HIS D 171 -14.48 22.60 -36.37
N PRO D 172 -15.67 22.74 -37.00
CA PRO D 172 -16.65 23.75 -36.57
C PRO D 172 -17.03 23.68 -35.09
N ARG D 173 -17.07 22.48 -34.50
CA ARG D 173 -17.41 22.36 -33.07
C ARG D 173 -16.41 23.09 -32.18
N LEU D 174 -15.14 23.06 -32.59
CA LEU D 174 -14.06 23.72 -31.86
C LEU D 174 -14.09 25.23 -32.06
N VAL D 175 -14.50 25.64 -33.26
CA VAL D 175 -14.71 27.05 -33.55
C VAL D 175 -15.87 27.57 -32.68
N THR D 176 -16.95 26.79 -32.62
CA THR D 176 -18.11 27.15 -31.79
C THR D 176 -17.68 27.42 -30.34
N LEU D 177 -16.87 26.54 -29.78
CA LEU D 177 -16.43 26.72 -28.39
C LEU D 177 -15.60 28.02 -28.20
N ARG D 178 -14.73 28.32 -29.16
CA ARG D 178 -13.97 29.58 -29.13
C ARG D 178 -14.93 30.78 -29.12
N LYS D 179 -15.91 30.75 -30.04
CA LYS D 179 -16.91 31.81 -30.14
C LYS D 179 -17.68 31.98 -28.84
N LYS D 180 -18.06 30.85 -28.23
CA LYS D 180 -18.79 30.87 -26.96
C LYS D 180 -17.98 31.53 -25.86
N VAL D 181 -16.72 31.15 -25.71
CA VAL D 181 -15.87 31.77 -24.69
C VAL D 181 -15.68 33.26 -24.98
N GLN D 182 -15.42 33.58 -26.24
CA GLN D 182 -15.21 34.96 -26.63
C GLN D 182 -16.44 35.82 -26.48
N ALA D 183 -17.62 35.22 -26.39
CA ALA D 183 -18.87 35.98 -26.25
C ALA D 183 -19.26 36.31 -24.81
N ILE D 184 -18.58 35.71 -23.85
CA ILE D 184 -18.77 36.03 -22.42
C ILE D 184 -18.37 37.51 -22.32
N PRO D 185 -19.31 38.38 -21.85
CA PRO D 185 -19.01 39.81 -21.80
C PRO D 185 -17.70 40.23 -21.13
N ALA D 186 -17.34 39.62 -20.00
CA ALA D 186 -16.07 39.96 -19.33
C ALA D 186 -14.85 39.60 -20.18
N VAL D 187 -14.94 38.46 -20.86
CA VAL D 187 -13.86 38.00 -21.76
C VAL D 187 -13.81 38.87 -23.02
N ALA D 188 -14.96 39.09 -23.65
CA ALA D 188 -15.05 39.93 -24.85
C ALA D 188 -14.45 41.31 -24.60
N ASN D 189 -14.76 41.89 -23.44
CA ASN D 189 -14.24 43.21 -23.10
C ASN D 189 -12.73 43.20 -22.91
N TRP D 190 -12.21 42.14 -22.31
CA TRP D 190 -10.77 42.02 -22.14
C TRP D 190 -10.07 41.84 -23.51
N ILE D 191 -10.60 40.95 -24.34
CA ILE D 191 -10.03 40.72 -25.68
C ILE D 191 -9.94 42.01 -26.45
N LYS D 192 -10.99 42.83 -26.36
CA LYS D 192 -11.07 44.11 -27.05
C LYS D 192 -10.00 45.10 -26.59
N ARG D 193 -9.73 45.13 -25.29
CA ARG D 193 -8.80 46.11 -24.73
C ARG D 193 -7.34 45.69 -24.54
N ARG D 194 -7.06 44.38 -24.49
CA ARG D 194 -5.68 43.93 -24.25
C ARG D 194 -4.73 44.38 -25.38
N PRO D 195 -3.44 44.57 -25.06
CA PRO D 195 -2.47 44.89 -26.12
C PRO D 195 -2.48 43.81 -27.21
N GLN D 196 -2.52 44.22 -28.49
CA GLN D 196 -2.48 43.26 -29.57
C GLN D 196 -1.06 42.74 -29.72
N THR D 197 -0.91 41.42 -29.56
CA THR D 197 0.38 40.78 -29.69
C THR D 197 0.26 39.50 -30.51
N LYS D 198 1.39 39.01 -31.01
CA LYS D 198 1.39 37.77 -31.75
C LYS D 198 1.28 36.60 -30.79
N LEU D 199 2.05 36.63 -29.70
CA LEU D 199 2.05 35.56 -28.71
C LEU D 199 1.41 35.94 -27.38
N1 GSH E . -7.03 -19.34 16.56
CA1 GSH E . -8.28 -18.60 16.55
C1 GSH E . -8.01 -17.20 17.05
O11 GSH E . -8.80 -16.25 16.79
O12 GSH E . -6.99 -17.01 17.74
CB1 GSH E . -9.26 -19.31 17.47
CG1 GSH E . -10.66 -18.71 17.49
CD1 GSH E . -11.51 -19.55 18.42
OE1 GSH E . -11.50 -20.97 18.31
N2 GSH E . -12.26 -18.92 19.32
CA2 GSH E . -13.02 -19.63 20.33
C2 GSH E . -14.47 -19.72 19.92
O2 GSH E . -15.06 -18.69 19.19
CB2 GSH E . -12.94 -18.94 21.69
SG2 GSH E . -11.26 -18.87 22.37
N3 GSH E . -15.12 -20.80 20.32
CA3 GSH E . -16.57 -20.80 20.51
C3 GSH E . -17.20 -21.50 19.33
O31 GSH E . -18.44 -21.63 19.26
O32 GSH E . -16.44 -21.96 18.43
N1 GSH F . 3.67 -24.92 14.02
CA1 GSH F . 4.92 -25.52 13.56
C1 GSH F . 5.26 -25.11 12.15
O11 GSH F . 6.43 -25.26 11.70
O12 GSH F . 4.37 -24.59 11.42
CB1 GSH F . 4.86 -27.04 13.70
CG1 GSH F . 6.26 -27.66 13.73
CD1 GSH F . 6.13 -29.16 13.92
OE1 GSH F . 5.31 -29.64 14.96
N2 GSH F . 6.81 -29.95 13.09
CA2 GSH F . 6.83 -31.39 13.30
C2 GSH F . 8.02 -31.81 14.09
O2 GSH F . 9.23 -31.10 13.99
CB2 GSH F . 6.78 -32.15 11.97
SG2 GSH F . 5.51 -31.47 10.88
N3 GSH F . 7.85 -32.87 14.89
CA3 GSH F . 8.92 -33.72 15.33
C3 GSH F . 9.20 -33.50 16.80
O31 GSH F . 9.87 -34.33 17.46
O32 GSH F . 8.76 -32.47 17.38
O1 ZZA G . 3.22 -35.73 9.48
C2 ZZA G . 2.95 -34.44 9.71
O3 ZZA G . 3.40 -33.92 10.71
C4 ZZA G . 2.13 -33.65 8.77
C5 ZZA G . 1.60 -34.08 7.53
N6 ZZA G . 0.94 -33.09 7.00
N7 ZZA G . 1.01 -31.96 7.85
C8 ZZA G . 1.76 -32.32 8.92
C9 ZZA G . 0.45 -30.69 7.63
C10 ZZA G . 0.15 -29.85 8.70
C11 ZZA G . -0.39 -28.59 8.46
C12 ZZA G . -0.64 -28.16 7.16
C13 ZZA G . -0.34 -29.00 6.09
C14 ZZA G . 0.20 -30.26 6.32
N1 GSH H . 5.03 26.25 -16.52
CA1 GSH H . 5.51 27.59 -16.20
C1 GSH H . 4.33 28.52 -16.06
O11 GSH H . 4.41 29.58 -15.44
O12 GSH H . 3.24 28.21 -16.59
CB1 GSH H . 6.48 28.04 -17.28
CG1 GSH H . 7.40 29.18 -16.81
CD1 GSH H . 8.24 29.67 -17.97
OE1 GSH H . 9.01 28.76 -18.70
N2 GSH H . 8.20 30.99 -18.20
CA2 GSH H . 8.82 31.63 -19.36
C2 GSH H . 10.02 32.40 -18.96
O2 GSH H . 10.06 33.04 -17.71
CB2 GSH H . 7.83 32.58 -19.99
SG2 GSH H . 6.63 31.71 -21.02
N3 GSH H . 11.01 32.45 -19.85
CA3 GSH H . 12.15 33.34 -19.73
C3 GSH H . 13.30 32.66 -19.02
O31 GSH H . 14.36 33.28 -18.78
O32 GSH H . 13.22 31.46 -18.67
#